data_8A7K
#
_entry.id   8A7K
#
_cell.length_a   58.080
_cell.length_b   70.480
_cell.length_c   94.900
_cell.angle_alpha   90.000
_cell.angle_beta   91.290
_cell.angle_gamma   90.000
#
_symmetry.space_group_name_H-M   'P 1 21 1'
#
loop_
_entity.id
_entity.type
_entity.pdbx_description
1 polymer 'Isoprenyl diphosphate synthase'
2 non-polymer 'MANGANESE (II) ION'
3 non-polymer 'MAGNESIUM ION'
4 non-polymer GLYCEROL
5 non-polymer '3-METHYLBUT-3-ENYL TRIHYDROGEN DIPHOSPHATE'
6 non-polymer 'ZOLEDRONIC ACID'
7 water water
#
_entity_poly.entity_id   1
_entity_poly.type   'polypeptide(L)'
_entity_poly.pdbx_seq_one_letter_code
;GSFSKEESREFMAIFPDIVRDLTDAGRHTDIPEVTKRFAKVLQYNVPTGKKTRGLSTVIAYKMLEKPENLTPENVRLAGI
LGWCVELLQASLLIMDDLMDRSETRRGQPCWYRQENVGFLAINDCLHVESSLYSVLRKYFSHLPCYVPIIELFHDVNFKT
NMGQSLDALCMKDGRPILSQFTMKRYSSIVKYKTSYYTFQLPVSLGMYLADMYDPEQHRQAKTILMEIGEFFQIQDDFLD
AFGDSQVTGKVGTDIKEGKCSWLAVVALQRSNPAQRQIMEEHYGRPEPESTQIIKNLYIELGLPATFAVYEEESFNIIRT
HIHQISKGLPHDLFFKIMKKIYKRDA
;
_entity_poly.pdbx_strand_id   A,B
#
loop_
_chem_comp.id
_chem_comp.type
_chem_comp.name
_chem_comp.formula
GOL non-polymer GLYCEROL 'C3 H8 O3'
IPE non-polymer '3-METHYLBUT-3-ENYL TRIHYDROGEN DIPHOSPHATE' 'C5 H12 O7 P2'
MG non-polymer 'MAGNESIUM ION' 'Mg 2'
MN non-polymer 'MANGANESE (II) ION' 'Mn 2'
ZOL non-polymer 'ZOLEDRONIC ACID' 'C5 H10 N2 O7 P2'
#
# COMPACT_ATOMS: atom_id res chain seq x y z
N SER A 2 16.16 28.81 6.07
CA SER A 2 15.25 27.75 6.46
C SER A 2 13.82 28.14 6.07
N PHE A 3 13.30 27.36 5.14
CA PHE A 3 11.99 27.43 4.51
C PHE A 3 11.93 28.70 3.66
N SER A 4 13.03 28.98 2.98
CA SER A 4 13.23 30.18 2.12
C SER A 4 12.80 29.98 0.65
N LYS A 5 12.77 31.09 -0.12
CA LYS A 5 12.38 31.12 -1.56
C LYS A 5 13.39 30.23 -2.33
N GLU A 6 14.68 30.36 -2.03
CA GLU A 6 15.74 29.69 -2.83
C GLU A 6 15.74 28.19 -2.53
N GLU A 7 15.54 27.83 -1.25
CA GLU A 7 15.39 26.38 -0.86
C GLU A 7 14.18 25.65 -1.53
N SER A 8 13.04 26.31 -1.55
CA SER A 8 11.84 25.84 -2.29
C SER A 8 12.18 25.61 -3.76
N ARG A 9 12.79 26.62 -4.43
CA ARG A 9 13.14 26.50 -5.87
C ARG A 9 13.90 25.11 -6.04
N GLU A 10 14.84 24.85 -5.14
CA GLU A 10 15.98 23.90 -5.42
C GLU A 10 15.28 22.61 -5.22
N PHE A 11 14.33 22.71 -4.30
CA PHE A 11 13.58 21.47 -4.03
C PHE A 11 12.61 21.09 -5.17
N MET A 12 11.80 22.01 -5.60
CA MET A 12 10.89 21.77 -6.76
C MET A 12 11.65 21.37 -8.02
N ALA A 13 12.88 21.89 -8.21
CA ALA A 13 13.63 21.59 -9.44
C ALA A 13 13.84 20.09 -9.62
N ILE A 14 13.81 19.34 -8.52
CA ILE A 14 14.04 17.87 -8.54
C ILE A 14 12.79 17.16 -9.04
N PHE A 15 11.63 17.74 -8.82
CA PHE A 15 10.37 16.99 -9.05
C PHE A 15 10.28 16.43 -10.46
N PRO A 16 10.58 17.19 -11.55
CA PRO A 16 10.47 16.58 -12.88
C PRO A 16 11.39 15.39 -13.12
N ASP A 17 12.54 15.37 -12.46
CA ASP A 17 13.41 14.17 -12.53
C ASP A 17 12.75 12.97 -11.84
N ILE A 18 12.10 13.15 -10.70
CA ILE A 18 11.40 12.04 -9.99
C ILE A 18 10.33 11.49 -10.96
N VAL A 19 9.55 12.35 -11.60
CA VAL A 19 8.51 11.86 -12.54
C VAL A 19 9.17 11.01 -13.65
N ARG A 20 10.23 11.56 -14.27
CA ARG A 20 10.93 10.85 -15.36
C ARG A 20 11.46 9.50 -14.84
N ASP A 21 12.07 9.46 -13.64
CA ASP A 21 12.59 8.21 -13.07
C ASP A 21 11.52 7.11 -12.97
N LEU A 22 10.28 7.49 -12.67
CA LEU A 22 9.17 6.58 -12.38
C LEU A 22 8.37 6.23 -13.64
N THR A 23 8.42 7.04 -14.69
CA THR A 23 7.49 6.93 -15.85
C THR A 23 8.15 7.03 -17.21
N ASP A 24 9.41 7.45 -17.32
CA ASP A 24 10.05 7.65 -18.64
C ASP A 24 11.53 7.33 -18.56
N ALA A 25 11.86 6.15 -18.04
CA ALA A 25 13.26 5.73 -17.82
C ALA A 25 13.56 4.49 -18.67
N GLY A 26 12.78 4.28 -19.74
CA GLY A 26 13.00 3.18 -20.71
C GLY A 26 12.50 1.86 -20.17
N ARG A 27 11.73 1.90 -19.08
CA ARG A 27 11.21 0.70 -18.38
C ARG A 27 9.74 0.52 -18.83
N HIS A 28 9.26 -0.69 -18.74
CA HIS A 28 7.81 -0.94 -18.90
C HIS A 28 7.28 -0.34 -20.22
N THR A 29 8.01 -0.48 -21.32
CA THR A 29 7.74 0.23 -22.57
C THR A 29 6.59 -0.46 -23.28
N ASP A 30 6.12 -1.60 -22.75
CA ASP A 30 4.98 -2.33 -23.34
C ASP A 30 3.66 -1.82 -22.77
N ILE A 31 3.68 -0.98 -21.72
CA ILE A 31 2.43 -0.47 -21.12
C ILE A 31 2.45 1.06 -20.93
N PRO A 32 2.63 1.79 -22.06
CA PRO A 32 2.65 3.25 -21.97
C PRO A 32 1.34 3.87 -21.47
N GLU A 33 0.19 3.22 -21.69
CA GLU A 33 -1.09 3.75 -21.15
C GLU A 33 -0.96 3.98 -19.63
N VAL A 34 -0.38 3.04 -18.96
CA VAL A 34 -0.28 2.99 -17.48
C VAL A 34 0.81 3.96 -17.01
N THR A 35 1.96 3.99 -17.67
CA THR A 35 3.06 4.88 -17.21
C THR A 35 2.68 6.34 -17.48
N LYS A 36 2.02 6.65 -18.59
CA LYS A 36 1.58 8.03 -18.80
C LYS A 36 0.53 8.41 -17.79
N ARG A 37 -0.38 7.50 -17.45
CA ARG A 37 -1.36 7.81 -16.42
C ARG A 37 -0.64 8.04 -15.07
N PHE A 38 0.33 7.21 -14.74
CA PHE A 38 1.03 7.33 -13.46
C PHE A 38 1.78 8.68 -13.37
N ALA A 39 2.23 9.18 -14.52
CA ALA A 39 2.85 10.54 -14.51
C ALA A 39 1.82 11.55 -14.09
N LYS A 40 0.57 11.39 -14.51
CA LYS A 40 -0.51 12.30 -14.07
C LYS A 40 -0.83 12.10 -12.58
N VAL A 41 -0.92 10.85 -12.13
CA VAL A 41 -1.13 10.56 -10.67
C VAL A 41 -0.06 11.34 -9.87
N LEU A 42 1.18 11.26 -10.29
CA LEU A 42 2.25 11.95 -9.56
C LEU A 42 2.06 13.48 -9.64
N GLN A 43 1.81 14.00 -10.85
CA GLN A 43 1.63 15.46 -11.02
C GLN A 43 0.54 15.98 -10.10
N TYR A 44 -0.57 15.24 -10.01
CA TYR A 44 -1.73 15.78 -9.26
C TYR A 44 -1.54 15.64 -7.77
N ASN A 45 -0.97 14.50 -7.34
CA ASN A 45 -1.06 14.05 -5.92
C ASN A 45 0.17 14.32 -5.07
N VAL A 46 1.31 14.68 -5.72
CA VAL A 46 2.58 14.72 -4.99
C VAL A 46 3.06 16.13 -4.63
N PRO A 47 3.06 17.12 -5.60
CA PRO A 47 3.87 18.32 -5.39
C PRO A 47 3.12 19.58 -4.95
N THR A 48 1.82 19.52 -4.68
CA THR A 48 1.00 20.75 -4.47
C THR A 48 0.77 21.08 -3.03
N GLY A 49 1.32 20.32 -2.08
CA GLY A 49 1.26 20.62 -0.66
C GLY A 49 2.32 21.64 -0.26
N LYS A 50 2.49 21.83 1.04
CA LYS A 50 3.47 22.82 1.56
C LYS A 50 4.89 22.29 1.42
N LYS A 51 5.09 20.98 1.31
CA LYS A 51 6.41 20.32 1.16
C LYS A 51 7.29 20.46 2.42
N THR A 52 6.70 20.69 3.59
CA THR A 52 7.46 20.90 4.81
C THR A 52 8.31 19.68 5.11
N ARG A 53 7.76 18.48 4.97
CA ARG A 53 8.55 17.25 5.26
C ARG A 53 9.77 17.14 4.33
N GLY A 54 9.54 17.33 3.03
CA GLY A 54 10.68 17.24 2.10
C GLY A 54 11.72 18.31 2.36
N LEU A 55 11.24 19.55 2.54
CA LEU A 55 12.18 20.65 2.79
C LEU A 55 12.90 20.44 4.12
N SER A 56 12.24 19.86 5.16
CA SER A 56 12.84 19.60 6.47
C SER A 56 13.96 18.55 6.31
N THR A 57 13.79 17.60 5.37
CA THR A 57 14.82 16.57 5.17
C THR A 57 16.11 17.26 4.74
N VAL A 58 15.96 18.21 3.83
CA VAL A 58 17.15 18.91 3.30
C VAL A 58 17.74 19.85 4.39
N ILE A 59 16.90 20.58 5.10
CA ILE A 59 17.41 21.45 6.19
C ILE A 59 18.12 20.60 7.26
N ALA A 60 17.56 19.46 7.61
CA ALA A 60 18.17 18.63 8.65
C ALA A 60 19.55 18.18 8.15
N TYR A 61 19.62 17.72 6.92
CA TYR A 61 20.92 17.27 6.34
C TYR A 61 21.93 18.43 6.35
N LYS A 62 21.55 19.65 5.93
CA LYS A 62 22.51 20.76 5.84
C LYS A 62 22.98 21.19 7.25
N MET A 63 22.16 20.95 8.27
CA MET A 63 22.47 21.38 9.65
C MET A 63 23.21 20.31 10.42
N LEU A 64 23.17 19.06 9.90
CA LEU A 64 23.83 17.90 10.56
C LEU A 64 25.18 17.53 9.93
N GLU A 65 25.30 17.62 8.61
CA GLU A 65 26.51 17.29 7.82
C GLU A 65 27.60 18.32 8.09
N LYS A 66 28.85 17.90 8.07
CA LYS A 66 29.96 18.87 8.14
C LYS A 66 29.86 19.83 6.96
N PRO A 67 30.04 21.16 7.16
CA PRO A 67 29.93 22.11 6.07
C PRO A 67 30.83 21.72 4.89
N GLU A 68 32.07 21.30 5.15
CA GLU A 68 33.09 20.94 4.11
C GLU A 68 32.54 19.88 3.13
N ASN A 69 31.45 19.17 3.46
CA ASN A 69 30.91 17.99 2.70
C ASN A 69 29.65 18.32 1.88
N LEU A 70 29.09 19.51 2.03
CA LEU A 70 27.87 19.98 1.34
C LEU A 70 28.03 20.36 -0.13
N THR A 71 28.25 19.40 -0.98
CA THR A 71 28.40 19.49 -2.43
C THR A 71 27.01 19.67 -3.07
N PRO A 72 26.97 20.16 -4.31
CA PRO A 72 25.73 20.23 -5.08
C PRO A 72 25.20 18.80 -5.07
N GLU A 73 26.02 17.76 -5.24
CA GLU A 73 25.45 16.37 -5.33
C GLU A 73 24.86 15.86 -4.02
N ASN A 74 25.49 16.05 -2.88
CA ASN A 74 24.94 15.59 -1.59
C ASN A 74 23.69 16.37 -1.23
N VAL A 75 23.66 17.67 -1.49
CA VAL A 75 22.43 18.47 -1.23
C VAL A 75 21.29 18.05 -2.13
N ARG A 76 21.60 17.66 -3.37
CA ARG A 76 20.57 17.02 -4.26
C ARG A 76 20.12 15.67 -3.70
N LEU A 77 21.04 14.84 -3.20
CA LEU A 77 20.62 13.56 -2.57
C LEU A 77 19.66 13.83 -1.41
N ALA A 78 19.92 14.86 -0.57
CA ALA A 78 19.01 15.16 0.52
C ALA A 78 17.62 15.53 -0.04
N GLY A 79 17.60 16.30 -1.13
CA GLY A 79 16.34 16.69 -1.74
C GLY A 79 15.59 15.51 -2.33
N ILE A 80 16.31 14.53 -2.91
CA ILE A 80 15.69 13.27 -3.43
C ILE A 80 15.09 12.54 -2.23
N LEU A 81 15.78 12.48 -1.10
CA LEU A 81 15.19 11.76 0.06
C LEU A 81 13.94 12.49 0.50
N GLY A 82 13.97 13.83 0.52
CA GLY A 82 12.78 14.64 0.86
C GLY A 82 11.63 14.31 -0.07
N TRP A 83 11.88 14.18 -1.38
CA TRP A 83 10.80 13.78 -2.31
C TRP A 83 10.29 12.37 -1.99
N CYS A 84 11.14 11.48 -1.48
CA CYS A 84 10.63 10.13 -1.10
C CYS A 84 9.70 10.26 0.12
N VAL A 85 9.97 11.21 1.04
CA VAL A 85 9.01 11.50 2.11
C VAL A 85 7.71 12.07 1.53
N GLU A 86 7.81 12.94 0.54
CA GLU A 86 6.61 13.51 -0.12
C GLU A 86 5.80 12.43 -0.85
N LEU A 87 6.48 11.43 -1.44
CA LEU A 87 5.74 10.31 -2.09
C LEU A 87 4.99 9.55 -1.00
N LEU A 88 5.61 9.30 0.13
CA LEU A 88 4.92 8.63 1.24
C LEU A 88 3.73 9.43 1.71
N GLN A 89 3.88 10.73 1.91
CA GLN A 89 2.77 11.65 2.24
C GLN A 89 1.67 11.55 1.19
N ALA A 90 2.06 11.68 -0.07
CA ALA A 90 1.06 11.66 -1.13
C ALA A 90 0.23 10.37 -1.11
N SER A 91 0.91 9.24 -0.89
N SER A 91 0.88 9.21 -0.98
CA SER A 91 0.23 7.93 -0.81
CA SER A 91 0.16 7.92 -0.92
C SER A 91 -0.71 7.91 0.41
C SER A 91 -0.85 7.91 0.23
N LEU A 92 -0.25 8.40 1.54
N LEU A 92 -0.37 8.37 1.39
CA LEU A 92 -1.10 8.35 2.74
CA LEU A 92 -1.17 8.30 2.65
C LEU A 92 -2.37 9.22 2.55
C LEU A 92 -2.42 9.17 2.46
N LEU A 93 -2.25 10.39 1.91
CA LEU A 93 -3.39 11.32 1.74
C LEU A 93 -4.43 10.72 0.80
N ILE A 94 -3.99 10.06 -0.26
CA ILE A 94 -4.99 9.47 -1.21
C ILE A 94 -5.84 8.45 -0.43
N MET A 95 -5.21 7.57 0.35
N MET A 95 -5.22 7.58 0.36
CA MET A 95 -5.93 6.58 1.18
CA MET A 95 -5.99 6.55 1.09
C MET A 95 -6.80 7.27 2.21
C MET A 95 -6.74 7.19 2.25
N ASP A 96 -6.18 8.24 2.87
CA ASP A 96 -6.87 8.89 4.00
C ASP A 96 -8.17 9.57 3.55
N ASP A 97 -8.11 10.20 2.39
CA ASP A 97 -9.29 10.89 1.87
C ASP A 97 -10.42 9.90 1.52
N LEU A 98 -10.08 8.72 1.00
CA LEU A 98 -11.06 7.62 0.84
C LEU A 98 -11.64 7.21 2.19
N MET A 99 -10.76 6.97 3.17
CA MET A 99 -11.21 6.49 4.48
C MET A 99 -12.09 7.53 5.18
N ASP A 100 -11.80 8.81 5.00
CA ASP A 100 -12.45 9.92 5.73
C ASP A 100 -13.61 10.48 4.92
N ARG A 101 -13.85 9.95 3.72
N ARG A 101 -13.85 9.96 3.72
CA ARG A 101 -14.96 10.43 2.85
CA ARG A 101 -14.98 10.42 2.87
C ARG A 101 -14.85 11.95 2.69
C ARG A 101 -14.87 11.92 2.61
N SER A 102 -13.64 12.40 2.41
CA SER A 102 -13.36 13.85 2.26
C SER A 102 -13.75 14.37 0.89
N GLU A 103 -13.92 15.69 0.83
CA GLU A 103 -14.38 16.39 -0.40
C GLU A 103 -13.20 16.95 -1.17
N THR A 104 -12.36 17.68 -0.46
CA THR A 104 -11.24 18.40 -1.13
C THR A 104 -9.91 18.12 -0.43
N ARG A 105 -8.85 18.23 -1.19
CA ARG A 105 -7.48 18.06 -0.70
C ARG A 105 -6.60 19.03 -1.46
N ARG A 106 -5.82 19.83 -0.76
CA ARG A 106 -4.88 20.76 -1.43
C ARG A 106 -5.61 21.65 -2.48
N GLY A 107 -6.85 22.01 -2.17
CA GLY A 107 -7.62 22.96 -2.98
C GLY A 107 -8.32 22.40 -4.19
N GLN A 108 -8.35 21.08 -4.30
CA GLN A 108 -8.97 20.42 -5.45
C GLN A 108 -9.85 19.28 -4.93
N PRO A 109 -10.78 18.78 -5.77
CA PRO A 109 -11.50 17.56 -5.37
C PRO A 109 -10.50 16.43 -5.05
N CYS A 110 -10.80 15.69 -3.98
CA CYS A 110 -9.94 14.56 -3.62
C CYS A 110 -9.81 13.58 -4.80
N TRP A 111 -8.63 12.98 -4.92
CA TRP A 111 -8.30 12.13 -6.09
C TRP A 111 -9.39 11.11 -6.40
N TYR A 112 -9.84 10.41 -5.32
CA TYR A 112 -10.82 9.33 -5.54
C TYR A 112 -12.13 9.87 -6.16
N ARG A 113 -12.45 11.15 -5.98
CA ARG A 113 -13.69 11.75 -6.48
C ARG A 113 -13.58 12.15 -7.96
N GLN A 114 -12.38 12.15 -8.49
CA GLN A 114 -12.18 12.79 -9.83
C GLN A 114 -12.70 11.81 -10.91
N GLU A 115 -13.01 12.33 -12.09
CA GLU A 115 -13.74 11.64 -13.18
C GLU A 115 -12.88 10.43 -13.55
N ASN A 116 -13.46 9.25 -13.46
CA ASN A 116 -12.89 7.97 -13.95
C ASN A 116 -11.74 7.58 -13.05
N VAL A 117 -11.78 8.05 -11.81
CA VAL A 117 -10.85 7.53 -10.78
C VAL A 117 -11.59 6.55 -9.84
N GLY A 118 -12.32 7.10 -8.88
CA GLY A 118 -13.08 6.26 -7.96
C GLY A 118 -12.24 5.25 -7.20
N PHE A 119 -12.58 3.96 -7.39
CA PHE A 119 -11.84 2.96 -6.63
C PHE A 119 -10.47 2.63 -7.32
N LEU A 120 -10.12 3.23 -8.51
CA LEU A 120 -8.69 3.16 -9.02
C LEU A 120 -7.76 3.95 -7.97
N ALA A 121 -8.27 4.90 -7.16
CA ALA A 121 -7.42 5.59 -6.16
C ALA A 121 -6.78 4.64 -5.15
N ILE A 122 -7.46 3.51 -4.89
CA ILE A 122 -6.84 2.63 -3.91
C ILE A 122 -5.45 2.14 -4.46
N ASN A 123 -5.52 1.49 -5.67
CA ASN A 123 -4.23 1.07 -6.31
C ASN A 123 -3.24 2.21 -6.46
N ASP A 124 -3.74 3.41 -6.80
CA ASP A 124 -2.82 4.57 -7.03
C ASP A 124 -2.08 4.85 -5.70
N CYS A 125 -2.72 4.71 -4.55
CA CYS A 125 -2.05 4.90 -3.28
C CYS A 125 -0.94 3.89 -3.12
N LEU A 126 -1.20 2.58 -3.40
CA LEU A 126 -0.10 1.63 -3.26
C LEU A 126 1.00 1.90 -4.26
N HIS A 127 0.65 2.33 -5.46
CA HIS A 127 1.63 2.56 -6.54
C HIS A 127 2.58 3.70 -6.13
N VAL A 128 2.02 4.77 -5.60
CA VAL A 128 2.83 5.93 -5.18
C VAL A 128 3.77 5.51 -4.07
N GLU A 129 3.25 4.76 -3.10
CA GLU A 129 4.10 4.26 -1.99
C GLU A 129 5.25 3.42 -2.58
N SER A 130 4.93 2.44 -3.45
CA SER A 130 5.97 1.52 -3.95
C SER A 130 7.02 2.33 -4.75
N SER A 131 6.60 3.42 -5.38
CA SER A 131 7.50 4.19 -6.27
C SER A 131 8.65 4.78 -5.45
N LEU A 132 8.47 5.06 -4.16
CA LEU A 132 9.57 5.77 -3.48
C LEU A 132 10.78 4.83 -3.39
N TYR A 133 10.55 3.48 -3.30
CA TYR A 133 11.64 2.52 -3.18
C TYR A 133 12.39 2.38 -4.48
N SER A 134 11.72 2.67 -5.61
CA SER A 134 12.40 2.69 -6.92
C SER A 134 13.36 3.88 -6.99
N VAL A 135 12.93 5.00 -6.41
CA VAL A 135 13.78 6.22 -6.36
C VAL A 135 15.00 5.95 -5.43
N LEU A 136 14.75 5.38 -4.27
CA LEU A 136 15.85 5.09 -3.36
C LEU A 136 16.87 4.19 -4.04
N ARG A 137 16.39 3.12 -4.73
CA ARG A 137 17.31 2.19 -5.41
C ARG A 137 18.18 2.97 -6.40
N LYS A 138 17.56 3.86 -7.17
CA LYS A 138 18.28 4.49 -8.29
C LYS A 138 19.45 5.30 -7.72
N TYR A 139 19.20 6.02 -6.66
CA TYR A 139 20.18 7.02 -6.20
C TYR A 139 21.01 6.61 -5.00
N PHE A 140 20.60 5.66 -4.20
CA PHE A 140 21.28 5.44 -2.89
C PHE A 140 21.87 4.03 -2.80
N SER A 141 21.72 3.19 -3.81
CA SER A 141 22.04 1.75 -3.61
C SER A 141 23.54 1.49 -3.40
N HIS A 142 24.42 2.41 -3.74
CA HIS A 142 25.88 2.25 -3.59
C HIS A 142 26.41 3.00 -2.36
N LEU A 143 25.53 3.58 -1.54
CA LEU A 143 25.97 4.35 -0.37
C LEU A 143 25.73 3.58 0.93
N PRO A 144 26.52 3.86 1.97
CA PRO A 144 26.39 3.17 3.26
C PRO A 144 25.04 3.40 3.92
N CYS A 145 24.34 4.47 3.60
CA CYS A 145 23.07 4.82 4.24
C CYS A 145 21.90 4.02 3.62
N TYR A 146 22.15 3.29 2.54
CA TYR A 146 21.00 2.67 1.83
C TYR A 146 20.14 1.77 2.75
N VAL A 147 20.76 0.77 3.35
CA VAL A 147 19.96 -0.18 4.17
C VAL A 147 19.31 0.50 5.34
N PRO A 148 20.02 1.37 6.10
CA PRO A 148 19.34 2.08 7.14
C PRO A 148 18.13 2.87 6.65
N ILE A 149 18.28 3.55 5.52
CA ILE A 149 17.15 4.38 4.99
C ILE A 149 15.98 3.48 4.60
N ILE A 150 16.21 2.39 3.83
CA ILE A 150 15.06 1.53 3.41
C ILE A 150 14.39 0.95 4.65
N GLU A 151 15.18 0.53 5.64
CA GLU A 151 14.61 -0.08 6.87
C GLU A 151 13.76 0.95 7.60
N LEU A 152 14.20 2.22 7.62
CA LEU A 152 13.48 3.31 8.31
C LEU A 152 12.15 3.55 7.61
N PHE A 153 12.16 3.67 6.29
CA PHE A 153 10.87 3.80 5.53
C PHE A 153 9.95 2.59 5.84
N HIS A 154 10.46 1.38 5.81
CA HIS A 154 9.66 0.14 6.13
C HIS A 154 9.02 0.27 7.53
N ASP A 155 9.82 0.70 8.50
CA ASP A 155 9.37 0.73 9.89
C ASP A 155 8.35 1.86 10.10
N VAL A 156 8.62 3.03 9.51
CA VAL A 156 7.71 4.17 9.65
C VAL A 156 6.39 3.84 8.97
N ASN A 157 6.48 3.17 7.82
CA ASN A 157 5.21 2.81 7.12
C ASN A 157 4.34 1.96 8.06
N PHE A 158 4.97 0.95 8.62
CA PHE A 158 4.24 -0.03 9.52
C PHE A 158 3.64 0.71 10.70
N LYS A 159 4.41 1.58 11.34
CA LYS A 159 3.91 2.37 12.47
C LYS A 159 2.76 3.31 12.06
N THR A 160 2.88 3.91 10.89
CA THR A 160 1.82 4.84 10.37
C THR A 160 0.53 4.02 10.17
N ASN A 161 0.62 2.87 9.58
CA ASN A 161 -0.56 2.00 9.43
C ASN A 161 -1.19 1.70 10.78
N MET A 162 -0.38 1.41 11.78
CA MET A 162 -0.96 1.12 13.11
C MET A 162 -1.75 2.35 13.61
N GLY A 163 -1.17 3.54 13.44
CA GLY A 163 -1.86 4.75 13.85
C GLY A 163 -3.16 4.99 13.10
N GLN A 164 -3.11 4.79 11.80
CA GLN A 164 -4.31 4.95 10.94
C GLN A 164 -5.40 4.03 11.42
N SER A 165 -5.06 2.80 11.84
N SER A 165 -5.03 2.80 11.81
CA SER A 165 -6.08 1.88 12.35
CA SER A 165 -5.96 1.80 12.37
C SER A 165 -6.62 2.51 13.66
C SER A 165 -6.58 2.47 13.63
N LEU A 166 -5.71 2.78 14.62
CA LEU A 166 -6.22 3.26 15.92
C LEU A 166 -7.15 4.45 15.74
N ASP A 167 -6.80 5.36 14.82
CA ASP A 167 -7.63 6.50 14.45
C ASP A 167 -9.02 6.04 13.99
N ALA A 168 -9.06 5.02 13.14
CA ALA A 168 -10.33 4.54 12.53
C ALA A 168 -11.24 3.87 13.56
N LEU A 169 -10.72 3.39 14.67
CA LEU A 169 -11.47 2.61 15.68
C LEU A 169 -12.24 3.51 16.64
N CYS A 170 -12.52 4.71 16.19
CA CYS A 170 -13.27 5.70 17.01
C CYS A 170 -14.75 5.37 17.07
N MET A 171 -15.21 4.58 16.12
CA MET A 171 -16.63 4.39 15.93
C MET A 171 -16.77 2.91 15.93
N LYS A 172 -17.84 2.57 16.59
CA LYS A 172 -18.19 1.22 16.57
C LYS A 172 -19.68 1.15 16.31
N ASP A 173 -20.11 0.33 15.32
CA ASP A 173 -21.57 0.18 15.05
C ASP A 173 -22.22 1.55 14.82
N GLY A 174 -21.52 2.45 14.13
CA GLY A 174 -21.96 3.84 13.80
C GLY A 174 -22.18 4.79 14.95
N ARG A 175 -21.64 4.53 16.13
CA ARG A 175 -21.61 5.53 17.21
C ARG A 175 -20.18 5.68 17.75
N PRO A 176 -19.79 6.90 18.09
CA PRO A 176 -18.45 7.06 18.61
C PRO A 176 -18.32 6.57 20.05
N ILE A 177 -17.15 6.09 20.35
CA ILE A 177 -16.84 5.42 21.67
C ILE A 177 -16.36 6.54 22.60
N LEU A 178 -17.27 7.47 22.90
CA LEU A 178 -16.91 8.71 23.64
C LEU A 178 -16.27 8.42 24.96
N SER A 179 -16.73 7.40 25.69
CA SER A 179 -16.15 7.13 27.02
C SER A 179 -14.65 6.75 26.93
N GLN A 180 -14.14 6.39 25.76
CA GLN A 180 -12.72 6.04 25.53
C GLN A 180 -11.92 7.19 24.91
N PHE A 181 -12.54 8.34 24.69
CA PHE A 181 -11.87 9.50 24.07
C PHE A 181 -11.14 10.34 25.11
N THR A 182 -10.02 9.84 25.52
CA THR A 182 -9.12 10.39 26.54
C THR A 182 -7.92 11.02 25.87
N MET A 183 -7.23 11.88 26.63
CA MET A 183 -5.97 12.43 26.12
C MET A 183 -4.90 11.32 25.94
N LYS A 184 -4.93 10.26 26.77
CA LYS A 184 -4.02 9.12 26.63
C LYS A 184 -4.22 8.47 25.25
N ARG A 185 -5.47 8.19 24.91
CA ARG A 185 -5.79 7.60 23.60
C ARG A 185 -5.31 8.56 22.49
N TYR A 186 -5.66 9.84 22.63
CA TYR A 186 -5.31 10.85 21.63
C TYR A 186 -3.79 10.78 21.37
N SER A 187 -3.00 10.86 22.45
CA SER A 187 -1.54 10.94 22.27
C SER A 187 -1.02 9.69 21.55
N SER A 188 -1.58 8.52 21.84
CA SER A 188 -1.21 7.28 21.13
C SER A 188 -1.53 7.35 19.67
N ILE A 189 -2.72 7.82 19.32
CA ILE A 189 -3.12 7.90 17.90
C ILE A 189 -2.09 8.77 17.18
N VAL A 190 -1.81 9.99 17.69
CA VAL A 190 -1.06 10.98 16.86
C VAL A 190 0.41 10.52 16.78
N LYS A 191 0.92 9.90 17.84
CA LYS A 191 2.31 9.41 17.80
C LYS A 191 2.47 8.54 16.54
N TYR A 192 1.56 7.59 16.36
CA TYR A 192 1.67 6.55 15.28
C TYR A 192 1.22 7.11 13.92
N LYS A 193 0.07 7.82 13.90
CA LYS A 193 -0.50 8.21 12.58
C LYS A 193 0.18 9.40 11.94
N THR A 194 0.93 10.19 12.76
CA THR A 194 1.50 11.42 12.23
C THR A 194 2.98 11.62 12.63
N SER A 195 3.34 11.42 13.90
CA SER A 195 4.63 11.99 14.34
C SER A 195 5.80 11.28 13.68
N TYR A 196 5.75 9.97 13.58
CA TYR A 196 6.87 9.22 12.97
C TYR A 196 7.13 9.71 11.56
N TYR A 197 6.13 9.70 10.71
CA TYR A 197 6.44 9.98 9.29
C TYR A 197 6.60 11.45 9.04
N THR A 198 5.98 12.30 9.84
CA THR A 198 6.02 13.74 9.52
C THR A 198 7.26 14.39 10.12
N PHE A 199 7.72 13.98 11.27
CA PHE A 199 8.84 14.63 12.00
C PHE A 199 10.05 13.73 12.20
N GLN A 200 9.83 12.50 12.71
CA GLN A 200 10.99 11.63 12.93
C GLN A 200 11.68 11.28 11.61
N LEU A 201 10.91 10.95 10.59
CA LEU A 201 11.45 10.39 9.35
C LEU A 201 12.37 11.44 8.63
N PRO A 202 11.96 12.73 8.41
CA PRO A 202 12.87 13.68 7.75
C PRO A 202 14.19 13.87 8.51
N VAL A 203 14.14 13.96 9.85
CA VAL A 203 15.38 14.25 10.60
C VAL A 203 16.28 13.00 10.61
N SER A 204 15.72 11.82 10.81
CA SER A 204 16.50 10.56 10.79
C SER A 204 17.14 10.36 9.42
N LEU A 205 16.44 10.70 8.34
CA LEU A 205 17.01 10.60 6.99
C LEU A 205 18.21 11.54 6.85
N GLY A 206 18.06 12.80 7.31
CA GLY A 206 19.20 13.75 7.26
C GLY A 206 20.39 13.18 8.02
N MET A 207 20.13 12.59 9.20
CA MET A 207 21.19 12.00 10.03
C MET A 207 21.91 10.89 9.25
N TYR A 208 21.11 9.93 8.75
CA TYR A 208 21.73 8.82 8.02
C TYR A 208 22.57 9.32 6.83
N LEU A 209 22.04 10.29 6.07
CA LEU A 209 22.80 10.75 4.89
C LEU A 209 24.11 11.40 5.36
N ALA A 210 24.11 11.95 6.57
CA ALA A 210 25.32 12.53 7.23
C ALA A 210 26.12 11.47 7.99
N ASP A 211 25.81 10.21 7.79
CA ASP A 211 26.55 9.07 8.40
C ASP A 211 26.51 9.17 9.93
N MET A 212 25.37 9.61 10.48
CA MET A 212 25.10 9.63 11.94
C MET A 212 24.17 8.48 12.31
N TYR A 213 24.71 7.46 12.95
CA TYR A 213 24.00 6.19 13.22
C TYR A 213 23.87 5.95 14.74
N ASP A 214 24.38 6.83 15.59
CA ASP A 214 24.40 6.64 17.06
C ASP A 214 22.97 6.46 17.57
N PRO A 215 22.59 5.29 18.14
CA PRO A 215 21.20 5.05 18.49
C PRO A 215 20.65 6.05 19.52
N GLU A 216 21.53 6.54 20.40
CA GLU A 216 21.14 7.48 21.49
C GLU A 216 20.91 8.87 20.89
N GLN A 217 21.62 9.19 19.82
CA GLN A 217 21.45 10.48 19.14
C GLN A 217 20.08 10.47 18.44
N HIS A 218 19.77 9.39 17.75
CA HIS A 218 18.42 9.19 17.18
C HIS A 218 17.35 9.23 18.29
N ARG A 219 17.59 8.65 19.45
CA ARG A 219 16.57 8.62 20.53
C ARG A 219 16.29 10.05 21.03
N GLN A 220 17.32 10.85 21.17
CA GLN A 220 17.11 12.20 21.72
C GLN A 220 16.34 13.05 20.69
N ALA A 221 16.66 12.91 19.42
CA ALA A 221 15.90 13.58 18.34
C ALA A 221 14.43 13.12 18.39
N LYS A 222 14.22 11.84 18.58
CA LYS A 222 12.85 11.26 18.54
C LYS A 222 12.03 11.89 19.67
N THR A 223 12.58 12.00 20.88
CA THR A 223 11.80 12.48 22.03
C THR A 223 11.23 13.85 21.65
N ILE A 224 12.03 14.73 21.10
CA ILE A 224 11.51 16.07 20.82
C ILE A 224 10.56 16.03 19.64
N LEU A 225 10.88 15.24 18.64
CA LEU A 225 10.05 15.26 17.41
C LEU A 225 8.68 14.64 17.70
N MET A 226 8.57 13.77 18.72
CA MET A 226 7.26 13.18 19.11
C MET A 226 6.42 14.34 19.72
N GLU A 227 7.06 15.20 20.51
CA GLU A 227 6.34 16.32 21.14
C GLU A 227 5.87 17.29 20.02
N ILE A 228 6.76 17.58 19.08
CA ILE A 228 6.40 18.45 17.95
C ILE A 228 5.24 17.82 17.15
N GLY A 229 5.31 16.52 16.92
CA GLY A 229 4.24 15.90 16.12
C GLY A 229 2.87 15.99 16.79
N GLU A 230 2.81 15.77 18.10
CA GLU A 230 1.52 15.92 18.80
C GLU A 230 1.00 17.36 18.62
N PHE A 231 1.86 18.35 18.83
CA PHE A 231 1.48 19.74 18.68
C PHE A 231 0.93 20.01 17.26
N PHE A 232 1.63 19.46 16.28
CA PHE A 232 1.27 19.68 14.85
C PHE A 232 -0.11 19.04 14.57
N GLN A 233 -0.36 17.82 15.08
CA GLN A 233 -1.67 17.18 14.89
C GLN A 233 -2.80 17.90 15.63
N ILE A 234 -2.53 18.46 16.79
CA ILE A 234 -3.55 19.27 17.47
C ILE A 234 -3.91 20.47 16.59
N GLN A 235 -2.93 21.13 15.94
CA GLN A 235 -3.19 22.20 15.03
C GLN A 235 -4.05 21.68 13.87
N ASP A 236 -3.70 20.50 13.34
CA ASP A 236 -4.53 19.95 12.24
C ASP A 236 -6.00 19.81 12.67
N ASP A 237 -6.17 19.25 13.89
CA ASP A 237 -7.54 19.01 14.36
C ASP A 237 -8.28 20.33 14.49
N PHE A 238 -7.62 21.36 15.01
CA PHE A 238 -8.31 22.67 15.09
C PHE A 238 -8.77 23.15 13.70
N LEU A 239 -7.87 22.96 12.71
CA LEU A 239 -8.21 23.37 11.36
C LEU A 239 -9.42 22.60 10.80
N ASP A 240 -9.59 21.34 11.19
CA ASP A 240 -10.70 20.53 10.64
C ASP A 240 -12.02 21.30 10.87
N ALA A 241 -12.24 21.76 12.10
CA ALA A 241 -13.52 22.42 12.47
C ALA A 241 -13.54 23.93 12.21
N PHE A 242 -12.38 24.59 12.41
CA PHE A 242 -12.34 26.05 12.47
C PHE A 242 -11.51 26.66 11.36
N GLY A 243 -10.78 25.88 10.59
CA GLY A 243 -10.04 26.46 9.49
C GLY A 243 -10.91 26.98 8.37
N ASP A 244 -10.35 27.87 7.56
CA ASP A 244 -10.98 28.41 6.32
C ASP A 244 -10.58 27.39 5.23
N SER A 245 -11.52 26.66 4.67
CA SER A 245 -11.20 25.60 3.70
C SER A 245 -10.59 26.16 2.43
N GLN A 246 -10.83 27.45 2.11
CA GLN A 246 -10.16 28.10 0.96
C GLN A 246 -8.68 28.29 1.24
N VAL A 247 -8.28 28.35 2.52
CA VAL A 247 -6.86 28.50 2.95
C VAL A 247 -6.23 27.15 3.18
N THR A 248 -6.93 26.29 3.92
CA THR A 248 -6.37 24.94 4.28
C THR A 248 -6.36 24.05 3.05
N GLY A 249 -7.26 24.29 2.10
CA GLY A 249 -7.39 23.35 0.96
C GLY A 249 -8.24 22.16 1.18
N LYS A 250 -8.86 22.03 2.34
CA LYS A 250 -9.57 20.79 2.67
C LYS A 250 -10.78 21.15 3.54
N VAL A 251 -11.90 20.45 3.29
CA VAL A 251 -13.12 20.53 4.08
C VAL A 251 -13.08 19.52 5.23
N GLY A 252 -13.34 19.94 6.43
CA GLY A 252 -13.26 19.03 7.59
C GLY A 252 -14.35 17.94 7.59
N THR A 253 -13.97 16.85 8.24
CA THR A 253 -14.85 15.65 8.36
C THR A 253 -14.77 15.00 9.75
N ASP A 254 -14.00 15.51 10.71
CA ASP A 254 -13.80 14.76 11.95
C ASP A 254 -15.11 14.57 12.68
N ILE A 255 -15.94 15.60 12.75
CA ILE A 255 -17.21 15.50 13.52
C ILE A 255 -18.09 14.42 12.89
N LYS A 256 -18.34 14.49 11.61
CA LYS A 256 -19.19 13.48 10.90
C LYS A 256 -18.59 12.08 11.06
N GLU A 257 -17.28 11.94 10.97
CA GLU A 257 -16.61 10.63 11.07
C GLU A 257 -16.48 10.16 12.51
N GLY A 258 -16.80 11.01 13.50
CA GLY A 258 -16.80 10.51 14.88
C GLY A 258 -15.42 10.39 15.46
N LYS A 259 -14.47 11.21 14.98
CA LYS A 259 -13.07 10.99 15.36
C LYS A 259 -12.71 11.42 16.77
N CYS A 260 -11.73 10.76 17.38
CA CYS A 260 -11.11 11.14 18.66
C CYS A 260 -10.07 12.24 18.36
N SER A 261 -10.59 13.39 17.90
CA SER A 261 -9.78 14.58 17.68
C SER A 261 -9.50 15.33 18.97
N TRP A 262 -8.54 16.22 18.95
CA TRP A 262 -8.25 17.00 20.16
C TRP A 262 -9.46 17.83 20.57
N LEU A 263 -10.20 18.35 19.59
CA LEU A 263 -11.41 19.12 19.91
C LEU A 263 -12.45 18.26 20.62
N ALA A 264 -12.62 17.02 20.15
CA ALA A 264 -13.64 16.11 20.79
C ALA A 264 -13.17 15.82 22.23
N VAL A 265 -11.91 15.49 22.39
CA VAL A 265 -11.41 15.15 23.74
C VAL A 265 -11.63 16.35 24.68
N VAL A 266 -11.24 17.56 24.24
CA VAL A 266 -11.33 18.72 25.13
C VAL A 266 -12.83 19.03 25.32
N ALA A 267 -13.67 18.88 24.30
CA ALA A 267 -15.10 19.15 24.49
C ALA A 267 -15.63 18.27 25.59
N LEU A 268 -15.25 17.02 25.55
CA LEU A 268 -15.77 16.06 26.61
C LEU A 268 -15.21 16.51 27.98
N GLN A 269 -13.98 16.95 28.06
CA GLN A 269 -13.42 17.46 29.34
C GLN A 269 -14.19 18.68 29.85
N ARG A 270 -14.60 19.58 28.95
CA ARG A 270 -15.15 20.89 29.35
C ARG A 270 -16.68 20.87 29.47
N SER A 271 -17.37 19.88 28.93
CA SER A 271 -18.84 19.91 28.79
C SER A 271 -19.54 19.77 30.13
N ASN A 272 -20.62 20.51 30.32
CA ASN A 272 -21.58 20.21 31.42
C ASN A 272 -22.44 19.03 30.96
N PRO A 273 -23.33 18.53 31.83
CA PRO A 273 -24.07 17.30 31.49
C PRO A 273 -24.99 17.44 30.28
N ALA A 274 -25.60 18.62 30.05
CA ALA A 274 -26.43 18.88 28.85
C ALA A 274 -25.54 18.83 27.60
N GLN A 275 -24.35 19.44 27.69
CA GLN A 275 -23.42 19.45 26.54
C GLN A 275 -22.87 18.04 26.22
N ARG A 276 -22.62 17.25 27.25
CA ARG A 276 -22.22 15.83 27.04
C ARG A 276 -23.35 15.10 26.32
N GLN A 277 -24.61 15.35 26.68
CA GLN A 277 -25.71 14.64 26.00
C GLN A 277 -25.77 15.06 24.53
N ILE A 278 -25.43 16.31 24.22
CA ILE A 278 -25.38 16.79 22.82
C ILE A 278 -24.30 15.98 22.07
N MET A 279 -23.13 15.77 22.68
CA MET A 279 -22.07 14.93 22.04
C MET A 279 -22.61 13.51 21.81
N GLU A 280 -23.21 12.94 22.84
CA GLU A 280 -23.74 11.56 22.77
C GLU A 280 -24.68 11.45 21.57
N GLU A 281 -25.58 12.43 21.41
CA GLU A 281 -26.69 12.34 20.44
C GLU A 281 -26.20 12.70 19.04
N HIS A 282 -25.33 13.70 18.88
CA HIS A 282 -25.05 14.25 17.56
C HIS A 282 -23.63 14.05 17.03
N TYR A 283 -22.68 13.57 17.83
CA TYR A 283 -21.28 13.38 17.33
C TYR A 283 -21.26 12.15 16.40
N GLY A 284 -20.49 12.16 15.34
CA GLY A 284 -20.33 10.99 14.46
C GLY A 284 -21.60 10.54 13.72
N ARG A 285 -22.36 11.46 13.17
N ARG A 285 -22.40 11.45 13.23
CA ARG A 285 -23.64 11.31 12.48
CA ARG A 285 -23.68 11.31 12.51
C ARG A 285 -23.47 11.84 11.07
C ARG A 285 -23.53 11.87 11.10
N PRO A 286 -24.17 11.25 10.09
CA PRO A 286 -24.05 11.71 8.71
C PRO A 286 -24.82 13.01 8.40
N GLU A 287 -25.82 13.34 9.22
CA GLU A 287 -26.78 14.42 8.93
C GLU A 287 -26.01 15.72 9.09
N PRO A 288 -26.06 16.63 8.10
CA PRO A 288 -25.44 17.94 8.25
C PRO A 288 -25.88 18.71 9.52
N GLU A 289 -27.14 18.59 9.93
CA GLU A 289 -27.69 19.34 11.08
C GLU A 289 -26.97 18.89 12.37
N SER A 290 -26.66 17.61 12.51
CA SER A 290 -25.98 17.07 13.71
C SER A 290 -24.54 17.62 13.75
N THR A 291 -23.87 17.69 12.60
CA THR A 291 -22.49 18.20 12.59
C THR A 291 -22.51 19.69 12.98
N GLN A 292 -23.51 20.47 12.55
CA GLN A 292 -23.56 21.90 12.89
C GLN A 292 -23.87 22.02 14.38
N ILE A 293 -24.73 21.19 14.95
CA ILE A 293 -24.99 21.21 16.41
C ILE A 293 -23.68 21.05 17.18
N ILE A 294 -22.82 20.15 16.74
CA ILE A 294 -21.53 19.95 17.42
C ILE A 294 -20.61 21.16 17.21
N LYS A 295 -20.54 21.69 16.00
CA LYS A 295 -19.74 22.88 15.76
C LYS A 295 -20.21 24.04 16.65
N ASN A 296 -21.52 24.20 16.78
CA ASN A 296 -22.06 25.26 17.61
C ASN A 296 -21.66 25.02 19.06
N LEU A 297 -21.67 23.77 19.54
CA LEU A 297 -21.18 23.44 20.92
C LEU A 297 -19.69 23.84 21.04
N TYR A 298 -18.88 23.49 20.05
CA TYR A 298 -17.46 23.84 20.10
C TYR A 298 -17.31 25.37 20.18
N ILE A 299 -18.12 26.10 19.43
CA ILE A 299 -18.07 27.57 19.53
C ILE A 299 -18.43 28.00 20.96
N GLU A 300 -19.57 27.58 21.46
CA GLU A 300 -20.09 27.99 22.78
C GLU A 300 -19.08 27.64 23.89
N LEU A 301 -18.37 26.53 23.76
CA LEU A 301 -17.34 26.10 24.75
C LEU A 301 -16.08 26.98 24.70
N GLY A 302 -15.97 27.78 23.66
CA GLY A 302 -14.74 28.59 23.48
C GLY A 302 -13.59 27.74 23.08
N LEU A 303 -13.80 26.70 22.30
CA LEU A 303 -12.65 25.88 21.86
C LEU A 303 -11.66 26.68 21.04
N PRO A 304 -12.04 27.67 20.21
CA PRO A 304 -11.01 28.41 19.49
C PRO A 304 -10.02 29.05 20.44
N ALA A 305 -10.52 29.79 21.44
CA ALA A 305 -9.60 30.44 22.39
C ALA A 305 -8.80 29.45 23.19
N THR A 306 -9.48 28.31 23.54
CA THR A 306 -8.78 27.23 24.30
C THR A 306 -7.60 26.72 23.48
N PHE A 307 -7.82 26.48 22.20
CA PHE A 307 -6.72 26.05 21.30
C PHE A 307 -5.62 27.09 21.26
N ALA A 308 -6.00 28.39 21.11
CA ALA A 308 -5.01 29.45 20.95
C ALA A 308 -4.11 29.49 22.19
N VAL A 309 -4.69 29.36 23.38
CA VAL A 309 -3.93 29.37 24.63
C VAL A 309 -3.04 28.14 24.71
N TYR A 310 -3.59 26.99 24.36
CA TYR A 310 -2.78 25.76 24.35
C TYR A 310 -1.59 25.92 23.42
N GLU A 311 -1.85 26.41 22.21
CA GLU A 311 -0.77 26.47 21.20
C GLU A 311 0.38 27.29 21.70
N GLU A 312 0.08 28.45 22.30
CA GLU A 312 1.15 29.36 22.82
C GLU A 312 1.87 28.66 23.97
N GLU A 313 1.13 28.09 24.91
CA GLU A 313 1.74 27.40 26.07
C GLU A 313 2.65 26.26 25.59
N SER A 314 2.16 25.45 24.65
CA SER A 314 2.86 24.25 24.18
C SER A 314 4.09 24.68 23.36
N PHE A 315 3.96 25.71 22.53
CA PHE A 315 5.15 26.21 21.82
C PHE A 315 6.25 26.48 22.84
N ASN A 316 5.90 27.22 23.90
CA ASN A 316 6.95 27.61 24.89
C ASN A 316 7.53 26.39 25.60
N ILE A 317 6.67 25.47 25.96
CA ILE A 317 7.18 24.24 26.63
C ILE A 317 8.09 23.42 25.71
N ILE A 318 7.72 23.28 24.44
CA ILE A 318 8.55 22.52 23.49
C ILE A 318 9.91 23.24 23.33
N ARG A 319 9.91 24.56 23.30
CA ARG A 319 11.21 25.29 23.14
C ARG A 319 12.07 25.07 24.38
N THR A 320 11.45 25.09 25.54
CA THR A 320 12.22 24.84 26.80
C THR A 320 12.89 23.46 26.67
N HIS A 321 12.13 22.49 26.16
CA HIS A 321 12.65 21.12 26.02
C HIS A 321 13.77 21.09 24.99
N ILE A 322 13.61 21.80 23.89
CA ILE A 322 14.69 21.89 22.88
C ILE A 322 15.96 22.36 23.54
N HIS A 323 15.85 23.41 24.35
CA HIS A 323 17.04 23.95 25.04
C HIS A 323 17.74 22.86 25.88
N GLN A 324 17.02 21.84 26.36
CA GLN A 324 17.59 20.77 27.26
C GLN A 324 18.23 19.65 26.41
N ILE A 325 18.12 19.69 25.08
CA ILE A 325 18.70 18.65 24.16
C ILE A 325 20.24 18.67 24.21
N SER A 326 20.88 17.51 24.08
CA SER A 326 22.35 17.39 24.09
C SER A 326 22.74 16.36 23.02
N LYS A 327 23.69 15.47 23.29
CA LYS A 327 24.18 14.45 22.30
C LYS A 327 24.57 15.13 20.99
N GLY A 328 25.04 16.39 21.04
CA GLY A 328 25.61 17.07 19.86
C GLY A 328 24.59 17.39 18.79
N LEU A 329 23.31 17.54 19.13
CA LEU A 329 22.25 17.88 18.10
C LEU A 329 22.04 19.40 18.01
N PRO A 330 21.83 19.94 16.78
CA PRO A 330 21.69 21.38 16.59
C PRO A 330 20.30 21.90 17.01
N HIS A 331 20.26 22.68 18.09
CA HIS A 331 19.02 23.22 18.67
C HIS A 331 18.25 23.95 17.58
N ASP A 332 18.96 24.73 16.74
CA ASP A 332 18.31 25.61 15.72
C ASP A 332 17.52 24.75 14.71
N LEU A 333 17.87 23.48 14.49
CA LEU A 333 17.05 22.66 13.59
C LEU A 333 15.62 22.49 14.15
N PHE A 334 15.51 22.21 15.44
CA PHE A 334 14.17 22.02 16.07
C PHE A 334 13.45 23.33 16.26
N PHE A 335 14.20 24.39 16.56
CA PHE A 335 13.65 25.80 16.67
C PHE A 335 13.04 26.21 15.32
N LYS A 336 13.71 25.81 14.19
CA LYS A 336 13.27 26.24 12.84
C LYS A 336 11.99 25.55 12.49
N ILE A 337 11.91 24.30 12.86
CA ILE A 337 10.70 23.41 12.58
C ILE A 337 9.53 24.01 13.34
N MET A 338 9.74 24.37 14.61
CA MET A 338 8.64 24.99 15.41
C MET A 338 8.24 26.34 14.84
N LYS A 339 9.20 27.16 14.41
CA LYS A 339 8.87 28.49 13.87
C LYS A 339 8.00 28.33 12.60
N LYS A 340 8.28 27.28 11.83
CA LYS A 340 7.57 27.12 10.54
C LYS A 340 6.08 26.86 10.83
N ILE A 341 5.80 26.04 11.85
CA ILE A 341 4.39 25.57 12.07
C ILE A 341 3.62 26.41 13.08
N TYR A 342 4.27 27.12 13.99
CA TYR A 342 3.55 27.87 15.04
C TYR A 342 2.62 28.90 14.40
N LYS A 343 1.37 28.91 14.82
CA LYS A 343 0.32 29.85 14.38
C LYS A 343 -0.05 29.66 12.92
N ARG A 344 0.27 28.53 12.36
CA ARG A 344 -0.16 28.27 10.97
C ARG A 344 -1.69 28.23 10.83
N ASP A 345 -2.16 28.61 9.62
CA ASP A 345 -3.58 28.55 9.27
C ASP A 345 -3.85 27.63 8.10
N ALA A 346 -2.85 26.85 7.77
CA ALA A 346 -2.96 25.83 6.72
C ALA A 346 -1.89 24.78 6.94
N SER B 2 6.92 -32.37 -3.78
CA SER B 2 6.27 -31.11 -4.13
C SER B 2 4.74 -31.23 -3.98
N PHE B 3 4.20 -30.31 -3.20
CA PHE B 3 2.80 -29.93 -2.97
C PHE B 3 2.11 -31.08 -2.22
N SER B 4 2.86 -31.81 -1.36
CA SER B 4 2.38 -33.03 -0.59
C SER B 4 1.71 -32.59 0.72
N LYS B 5 1.11 -33.46 1.52
CA LYS B 5 0.64 -32.89 2.81
C LYS B 5 1.87 -32.48 3.75
N GLU B 6 2.99 -33.38 3.79
CA GLU B 6 4.09 -33.15 4.79
C GLU B 6 4.63 -31.73 4.59
N GLU B 7 4.69 -31.33 3.31
CA GLU B 7 5.29 -30.03 2.94
C GLU B 7 4.34 -28.91 3.37
N SER B 8 3.05 -29.14 3.24
CA SER B 8 2.05 -28.15 3.69
C SER B 8 2.18 -27.98 5.21
N ARG B 9 2.40 -29.14 5.89
CA ARG B 9 2.56 -29.28 7.36
C ARG B 9 3.69 -28.40 7.84
N GLU B 10 4.86 -28.65 7.23
CA GLU B 10 6.15 -27.90 7.45
C GLU B 10 5.88 -26.38 7.25
N PHE B 11 5.25 -25.99 6.16
CA PHE B 11 5.08 -24.54 5.84
C PHE B 11 4.11 -23.87 6.80
N MET B 12 2.97 -24.54 7.09
CA MET B 12 1.98 -23.90 7.96
C MET B 12 2.51 -23.72 9.39
N ALA B 13 3.45 -24.51 9.82
CA ALA B 13 3.97 -24.45 11.20
C ALA B 13 4.71 -23.14 11.40
N ILE B 14 5.14 -22.46 10.34
CA ILE B 14 5.91 -21.20 10.45
C ILE B 14 4.93 -20.02 10.71
N PHE B 15 3.70 -20.13 10.26
CA PHE B 15 2.75 -19.01 10.34
C PHE B 15 2.58 -18.42 11.71
N PRO B 16 2.35 -19.22 12.78
CA PRO B 16 2.15 -18.60 14.10
C PRO B 16 3.37 -17.74 14.51
N ASP B 17 4.58 -18.13 14.11
CA ASP B 17 5.77 -17.30 14.40
C ASP B 17 5.72 -15.98 13.67
N ILE B 18 5.28 -15.98 12.44
CA ILE B 18 5.16 -14.72 11.66
C ILE B 18 4.17 -13.82 12.42
N VAL B 19 3.04 -14.35 12.84
CA VAL B 19 2.02 -13.52 13.56
C VAL B 19 2.65 -12.95 14.83
N ARG B 20 3.36 -13.75 15.60
CA ARG B 20 4.04 -13.28 16.83
C ARG B 20 5.06 -12.20 16.48
N ASP B 21 5.85 -12.39 15.43
CA ASP B 21 6.87 -11.40 15.00
C ASP B 21 6.18 -10.06 14.73
N LEU B 22 4.97 -10.03 14.18
CA LEU B 22 4.30 -8.77 13.74
C LEU B 22 3.42 -8.17 14.84
N THR B 23 3.07 -8.91 15.91
CA THR B 23 2.04 -8.44 16.86
C THR B 23 2.41 -8.68 18.32
N ASP B 24 3.42 -9.47 18.63
CA ASP B 24 3.67 -9.85 20.06
C ASP B 24 5.14 -10.17 20.24
N ALA B 25 6.00 -9.27 19.82
CA ALA B 25 7.49 -9.39 19.90
C ALA B 25 8.03 -8.29 20.82
N GLY B 26 7.19 -7.78 21.73
CA GLY B 26 7.57 -6.74 22.72
C GLY B 26 7.66 -5.33 22.15
N ARG B 27 7.19 -5.10 20.92
CA ARG B 27 7.17 -3.77 20.29
C ARG B 27 5.77 -3.17 20.49
N HIS B 28 5.69 -1.87 20.30
CA HIS B 28 4.39 -1.17 20.22
C HIS B 28 3.50 -1.62 21.38
N THR B 29 4.08 -1.69 22.55
CA THR B 29 3.38 -2.21 23.74
C THR B 29 2.41 -1.19 24.28
N ASP B 30 2.47 0.03 23.77
CA ASP B 30 1.54 1.12 24.16
C ASP B 30 0.21 1.04 23.36
N ILE B 31 0.12 0.24 22.33
CA ILE B 31 -1.08 0.21 21.46
C ILE B 31 -1.56 -1.24 21.28
N PRO B 32 -1.84 -1.98 22.40
CA PRO B 32 -2.32 -3.35 22.22
C PRO B 32 -3.64 -3.46 21.47
N GLU B 33 -4.53 -2.46 21.55
CA GLU B 33 -5.79 -2.50 20.78
C GLU B 33 -5.48 -2.79 19.32
N VAL B 34 -4.49 -2.14 18.73
CA VAL B 34 -4.28 -2.30 17.27
C VAL B 34 -3.43 -3.54 17.02
N THR B 35 -2.53 -3.93 17.92
CA THR B 35 -1.70 -5.11 17.63
C THR B 35 -2.56 -6.36 17.79
N LYS B 36 -3.48 -6.36 18.75
CA LYS B 36 -4.44 -7.49 18.89
C LYS B 36 -5.31 -7.53 17.66
N ARG B 37 -5.80 -6.39 17.20
CA ARG B 37 -6.62 -6.36 15.99
C ARG B 37 -5.79 -6.86 14.80
N PHE B 38 -4.54 -6.44 14.68
CA PHE B 38 -3.74 -6.83 13.50
C PHE B 38 -3.50 -8.35 13.44
N ALA B 39 -3.38 -8.98 14.62
CA ALA B 39 -3.31 -10.46 14.63
C ALA B 39 -4.56 -11.03 13.99
N LYS B 40 -5.74 -10.47 14.27
CA LYS B 40 -6.99 -10.91 13.61
C LYS B 40 -6.98 -10.66 12.12
N VAL B 41 -6.52 -9.47 11.68
CA VAL B 41 -6.37 -9.20 10.25
C VAL B 41 -5.50 -10.29 9.59
N LEU B 42 -4.38 -10.57 10.20
CA LEU B 42 -3.47 -11.55 9.62
C LEU B 42 -4.16 -12.92 9.60
N GLN B 43 -4.83 -13.33 10.70
CA GLN B 43 -5.43 -14.68 10.74
C GLN B 43 -6.51 -14.82 9.67
N TYR B 44 -7.30 -13.79 9.41
CA TYR B 44 -8.45 -13.85 8.49
C TYR B 44 -7.95 -13.90 7.06
N ASN B 45 -6.93 -13.10 6.77
CA ASN B 45 -6.60 -12.75 5.37
C ASN B 45 -5.34 -13.46 4.81
N VAL B 46 -4.49 -13.99 5.65
CA VAL B 46 -3.19 -14.50 5.15
C VAL B 46 -3.11 -16.01 4.93
N PRO B 47 -3.52 -16.86 5.88
CA PRO B 47 -3.27 -18.30 5.77
C PRO B 47 -4.46 -19.08 5.20
N THR B 48 -5.44 -18.40 4.64
CA THR B 48 -6.73 -18.95 4.25
C THR B 48 -6.82 -19.36 2.81
N GLY B 49 -5.78 -19.16 2.01
CA GLY B 49 -5.70 -19.61 0.63
C GLY B 49 -5.03 -20.98 0.48
N LYS B 50 -4.64 -21.31 -0.71
CA LYS B 50 -4.04 -22.65 -0.99
C LYS B 50 -2.53 -22.64 -0.74
N LYS B 51 -1.89 -21.47 -0.66
CA LYS B 51 -0.46 -21.33 -0.35
C LYS B 51 0.42 -21.87 -1.48
N THR B 52 -0.05 -21.89 -2.73
CA THR B 52 0.78 -22.33 -3.84
C THR B 52 2.05 -21.48 -4.01
N ARG B 53 1.89 -20.16 -3.88
CA ARG B 53 3.08 -19.29 -4.08
C ARG B 53 4.12 -19.52 -2.98
N GLY B 54 3.67 -19.56 -1.72
CA GLY B 54 4.60 -19.80 -0.61
C GLY B 54 5.27 -21.15 -0.73
N LEU B 55 4.49 -22.20 -1.02
CA LEU B 55 5.07 -23.56 -1.16
C LEU B 55 6.03 -23.59 -2.33
N SER B 56 5.70 -22.91 -3.42
CA SER B 56 6.57 -22.83 -4.60
C SER B 56 7.92 -22.19 -4.29
N THR B 57 7.90 -21.23 -3.38
CA THR B 57 9.19 -20.58 -2.98
C THR B 57 10.13 -21.63 -2.38
N VAL B 58 9.57 -22.44 -1.48
CA VAL B 58 10.34 -23.51 -0.81
C VAL B 58 10.81 -24.54 -1.84
N ILE B 59 9.91 -24.97 -2.70
CA ILE B 59 10.28 -26.01 -3.69
C ILE B 59 11.37 -25.43 -4.60
N ALA B 60 11.24 -24.17 -5.04
CA ALA B 60 12.30 -23.58 -5.91
C ALA B 60 13.64 -23.59 -5.20
N TYR B 61 13.67 -23.14 -3.95
CA TYR B 61 14.93 -23.14 -3.20
C TYR B 61 15.54 -24.55 -3.13
N LYS B 62 14.67 -25.54 -2.81
CA LYS B 62 15.16 -26.94 -2.64
C LYS B 62 15.69 -27.49 -3.96
N MET B 63 15.17 -26.99 -5.10
CA MET B 63 15.63 -27.49 -6.40
C MET B 63 16.80 -26.71 -6.99
N LEU B 64 17.05 -25.53 -6.46
CA LEU B 64 18.09 -24.61 -7.05
C LEU B 64 19.36 -24.66 -6.19
N GLU B 65 19.21 -24.81 -4.86
CA GLU B 65 20.36 -24.88 -3.92
C GLU B 65 21.13 -26.18 -4.16
N LYS B 66 22.40 -26.22 -3.83
CA LYS B 66 23.19 -27.48 -3.87
C LYS B 66 22.65 -28.46 -2.81
N PRO B 67 22.49 -29.80 -3.09
CA PRO B 67 21.84 -30.71 -2.14
C PRO B 67 22.53 -30.69 -0.77
N GLU B 68 23.86 -30.56 -0.79
CA GLU B 68 24.66 -30.59 0.46
C GLU B 68 24.35 -29.35 1.32
N ASN B 69 23.79 -28.27 0.77
CA ASN B 69 23.49 -27.02 1.55
C ASN B 69 22.10 -26.96 2.17
N LEU B 70 21.22 -27.92 1.92
CA LEU B 70 19.81 -27.83 2.36
C LEU B 70 19.62 -28.30 3.80
N THR B 71 19.97 -27.44 4.71
CA THR B 71 19.83 -27.73 6.14
C THR B 71 18.40 -27.44 6.54
N PRO B 72 17.94 -27.97 7.68
CA PRO B 72 16.63 -27.55 8.18
C PRO B 72 16.54 -26.03 8.34
N GLU B 73 17.63 -25.40 8.75
CA GLU B 73 17.60 -23.94 8.97
C GLU B 73 17.39 -23.20 7.66
N ASN B 74 18.09 -23.59 6.58
CA ASN B 74 17.95 -22.86 5.30
C ASN B 74 16.56 -23.14 4.73
N VAL B 75 16.07 -24.36 4.86
CA VAL B 75 14.70 -24.72 4.34
C VAL B 75 13.68 -23.86 5.09
N ARG B 76 13.87 -23.69 6.39
CA ARG B 76 12.95 -22.84 7.17
C ARG B 76 13.04 -21.36 6.66
N LEU B 77 14.24 -20.85 6.35
CA LEU B 77 14.35 -19.52 5.76
C LEU B 77 13.57 -19.44 4.43
N ALA B 78 13.64 -20.50 3.61
CA ALA B 78 12.85 -20.51 2.35
C ALA B 78 11.35 -20.42 2.69
N GLY B 79 10.94 -21.12 3.78
CA GLY B 79 9.52 -21.05 4.19
C GLY B 79 9.13 -19.65 4.66
N ILE B 80 10.01 -18.98 5.36
CA ILE B 80 9.72 -17.60 5.78
C ILE B 80 9.58 -16.72 4.53
N LEU B 81 10.48 -16.89 3.56
CA LEU B 81 10.35 -16.12 2.31
C LEU B 81 9.01 -16.43 1.67
N GLY B 82 8.62 -17.70 1.62
CA GLY B 82 7.29 -18.05 1.11
C GLY B 82 6.15 -17.35 1.84
N TRP B 83 6.20 -17.26 3.15
CA TRP B 83 5.17 -16.49 3.88
C TRP B 83 5.20 -14.99 3.52
N CYS B 84 6.36 -14.46 3.17
CA CYS B 84 6.44 -13.06 2.73
C CYS B 84 5.70 -12.91 1.38
N VAL B 85 5.79 -13.89 0.49
CA VAL B 85 4.96 -13.86 -0.72
C VAL B 85 3.47 -13.95 -0.37
N GLU B 86 3.11 -14.80 0.60
CA GLU B 86 1.69 -14.92 1.04
C GLU B 86 1.20 -13.60 1.65
N LEU B 87 2.06 -12.88 2.36
CA LEU B 87 1.67 -11.54 2.87
C LEU B 87 1.39 -10.61 1.68
N LEU B 88 2.22 -10.64 0.65
CA LEU B 88 1.96 -9.83 -0.53
C LEU B 88 0.62 -10.24 -1.16
N GLN B 89 0.42 -11.55 -1.37
CA GLN B 89 -0.87 -12.05 -1.93
C GLN B 89 -2.05 -11.53 -1.09
N ALA B 90 -1.94 -11.69 0.20
CA ALA B 90 -3.05 -11.32 1.13
C ALA B 90 -3.40 -9.86 0.93
N SER B 91 -2.35 -9.06 0.90
CA SER B 91 -2.55 -7.62 0.73
C SER B 91 -3.26 -7.27 -0.59
N LEU B 92 -2.76 -7.85 -1.65
N LEU B 92 -2.76 -7.84 -1.67
CA LEU B 92 -3.31 -7.65 -3.01
CA LEU B 92 -3.35 -7.62 -3.01
C LEU B 92 -4.78 -8.07 -3.03
C LEU B 92 -4.82 -8.04 -3.00
N LEU B 93 -5.17 -9.18 -2.40
CA LEU B 93 -6.56 -9.65 -2.51
C LEU B 93 -7.48 -8.73 -1.70
N ILE B 94 -7.01 -8.21 -0.57
CA ILE B 94 -7.85 -7.26 0.19
C ILE B 94 -8.21 -6.05 -0.66
N MET B 95 -7.21 -5.47 -1.34
N MET B 95 -7.20 -5.45 -1.30
CA MET B 95 -7.50 -4.32 -2.17
CA MET B 95 -7.43 -4.34 -2.22
C MET B 95 -8.25 -4.73 -3.45
C MET B 95 -8.28 -4.76 -3.40
N ASP B 96 -7.89 -5.86 -4.02
CA ASP B 96 -8.60 -6.26 -5.25
C ASP B 96 -10.09 -6.39 -5.00
N ASP B 97 -10.44 -7.02 -3.85
CA ASP B 97 -11.86 -7.23 -3.54
C ASP B 97 -12.62 -5.93 -3.41
N LEU B 98 -12.00 -4.96 -2.82
N LEU B 98 -12.00 -4.95 -2.78
CA LEU B 98 -12.65 -3.64 -2.73
CA LEU B 98 -12.56 -3.58 -2.72
C LEU B 98 -12.80 -3.06 -4.15
C LEU B 98 -12.80 -3.08 -4.15
N MET B 99 -11.73 -3.11 -4.96
CA MET B 99 -11.78 -2.52 -6.33
C MET B 99 -12.81 -3.23 -7.20
N ASP B 100 -13.02 -4.54 -6.99
CA ASP B 100 -13.87 -5.39 -7.84
C ASP B 100 -15.25 -5.53 -7.23
N ARG B 101 -15.51 -4.87 -6.09
CA ARG B 101 -16.82 -4.85 -5.42
C ARG B 101 -17.27 -6.31 -5.19
N SER B 102 -16.35 -7.19 -4.79
CA SER B 102 -16.60 -8.63 -4.64
C SER B 102 -17.32 -8.91 -3.31
N GLU B 103 -17.95 -10.05 -3.23
CA GLU B 103 -18.75 -10.52 -2.09
C GLU B 103 -17.94 -11.45 -1.17
N THR B 104 -17.38 -12.50 -1.77
CA THR B 104 -16.68 -13.55 -1.00
C THR B 104 -15.25 -13.73 -1.53
N ARG B 105 -14.45 -14.24 -0.64
CA ARG B 105 -13.05 -14.57 -0.91
C ARG B 105 -12.69 -15.74 0.00
N ARG B 106 -12.21 -16.85 -0.59
CA ARG B 106 -11.79 -17.97 0.21
C ARG B 106 -12.94 -18.50 1.07
N GLY B 107 -14.14 -18.37 0.55
CA GLY B 107 -15.32 -18.95 1.19
C GLY B 107 -15.90 -18.16 2.33
N GLN B 108 -15.44 -16.98 2.55
CA GLN B 108 -15.86 -16.09 3.67
C GLN B 108 -16.09 -14.72 3.03
N PRO B 109 -16.75 -13.80 3.77
CA PRO B 109 -16.94 -12.46 3.21
C PRO B 109 -15.58 -11.82 2.91
N CYS B 110 -15.53 -11.05 1.81
CA CYS B 110 -14.34 -10.18 1.57
C CYS B 110 -14.11 -9.35 2.83
N TRP B 111 -12.84 -9.09 3.13
CA TRP B 111 -12.49 -8.39 4.39
C TRP B 111 -13.24 -7.08 4.53
N TYR B 112 -13.28 -6.30 3.44
CA TYR B 112 -13.90 -4.98 3.54
C TYR B 112 -15.36 -5.06 3.95
N ARG B 113 -16.02 -6.18 3.66
CA ARG B 113 -17.45 -6.40 3.96
C ARG B 113 -17.68 -6.75 5.44
N GLN B 114 -16.65 -7.08 6.17
CA GLN B 114 -16.83 -7.39 7.61
C GLN B 114 -17.26 -6.12 8.36
N GLU B 115 -18.02 -6.32 9.42
CA GLU B 115 -18.42 -5.21 10.33
C GLU B 115 -17.21 -4.40 10.79
N ASN B 116 -17.33 -3.06 10.76
CA ASN B 116 -16.34 -2.11 11.33
C ASN B 116 -15.03 -2.25 10.52
N VAL B 117 -15.05 -2.76 9.27
CA VAL B 117 -13.90 -2.68 8.33
C VAL B 117 -14.18 -1.61 7.27
N GLY B 118 -14.92 -1.96 6.20
CA GLY B 118 -15.10 -1.01 5.07
C GLY B 118 -13.74 -0.48 4.50
N PHE B 119 -13.54 0.88 4.36
CA PHE B 119 -12.31 1.47 3.68
C PHE B 119 -11.08 1.41 4.59
N LEU B 120 -11.27 1.10 5.83
CA LEU B 120 -10.13 0.60 6.66
C LEU B 120 -9.47 -0.66 6.12
N ALA B 121 -10.15 -1.49 5.34
CA ALA B 121 -9.43 -2.49 4.55
C ALA B 121 -8.28 -1.92 3.69
N ILE B 122 -8.36 -0.62 3.18
CA ILE B 122 -7.22 -0.14 2.35
C ILE B 122 -6.03 -0.06 3.32
N ASN B 123 -6.27 0.52 4.54
CA ASN B 123 -5.13 0.61 5.52
C ASN B 123 -4.63 -0.80 5.86
N ASP B 124 -5.54 -1.78 6.07
CA ASP B 124 -5.10 -3.15 6.43
C ASP B 124 -4.34 -3.76 5.23
N CYS B 125 -4.71 -3.42 3.98
CA CYS B 125 -3.96 -3.90 2.81
C CYS B 125 -2.51 -3.38 2.91
N LEU B 126 -2.37 -2.09 3.14
CA LEU B 126 -0.98 -1.43 3.18
C LEU B 126 -0.20 -2.04 4.37
N HIS B 127 -0.91 -2.27 5.46
CA HIS B 127 -0.26 -2.80 6.70
C HIS B 127 0.26 -4.23 6.50
N VAL B 128 -0.52 -5.05 5.86
CA VAL B 128 -0.12 -6.44 5.58
C VAL B 128 1.04 -6.42 4.61
N GLU B 129 1.03 -5.58 3.58
CA GLU B 129 2.21 -5.59 2.67
C GLU B 129 3.48 -5.07 3.43
N SER B 130 3.33 -4.01 4.21
N SER B 130 3.34 -4.00 4.23
CA SER B 130 4.51 -3.46 4.90
CA SER B 130 4.50 -3.41 4.94
C SER B 130 5.08 -4.52 5.85
C SER B 130 5.06 -4.47 5.91
N SER B 131 4.22 -5.36 6.42
CA SER B 131 4.66 -6.36 7.37
C SER B 131 5.79 -7.19 6.78
N LEU B 132 5.72 -7.54 5.50
CA LEU B 132 6.64 -8.56 4.98
C LEU B 132 8.06 -8.03 5.11
N TYR B 133 8.26 -6.67 5.01
CA TYR B 133 9.64 -6.07 5.13
C TYR B 133 10.16 -6.17 6.55
N SER B 134 9.29 -6.18 7.54
CA SER B 134 9.67 -6.41 8.94
C SER B 134 10.16 -7.84 9.14
N VAL B 135 9.46 -8.82 8.53
CA VAL B 135 9.89 -10.22 8.54
C VAL B 135 11.24 -10.38 7.82
N LEU B 136 11.39 -9.73 6.66
CA LEU B 136 12.69 -9.87 5.98
C LEU B 136 13.86 -9.35 6.83
N ARG B 137 13.63 -8.21 7.50
CA ARG B 137 14.69 -7.65 8.34
C ARG B 137 15.06 -8.62 9.47
N LYS B 138 14.07 -9.22 10.13
CA LYS B 138 14.34 -10.08 11.30
C LYS B 138 15.22 -11.23 10.87
N TYR B 139 14.91 -11.86 9.73
CA TYR B 139 15.52 -13.16 9.39
C TYR B 139 16.64 -13.15 8.36
N PHE B 140 16.71 -12.11 7.51
CA PHE B 140 17.60 -12.19 6.31
C PHE B 140 18.68 -11.11 6.33
N SER B 141 18.66 -10.17 7.30
CA SER B 141 19.44 -8.92 7.17
C SER B 141 20.96 -9.21 7.19
N HIS B 142 21.39 -10.36 7.68
CA HIS B 142 22.79 -10.80 7.79
C HIS B 142 23.29 -11.53 6.53
N LEU B 143 22.45 -11.74 5.49
CA LEU B 143 22.83 -12.56 4.33
C LEU B 143 23.08 -11.71 3.10
N PRO B 144 23.91 -12.20 2.18
CA PRO B 144 24.13 -11.50 0.93
C PRO B 144 22.87 -11.23 0.14
N CYS B 145 21.88 -12.08 0.26
CA CYS B 145 20.67 -12.00 -0.56
C CYS B 145 19.69 -10.93 -0.03
N TYR B 146 19.98 -10.32 1.10
CA TYR B 146 18.99 -9.41 1.74
C TYR B 146 18.51 -8.29 0.83
N VAL B 147 19.46 -7.53 0.27
CA VAL B 147 19.10 -6.39 -0.57
C VAL B 147 18.44 -6.82 -1.88
N PRO B 148 18.98 -7.82 -2.61
CA PRO B 148 18.27 -8.27 -3.80
C PRO B 148 16.83 -8.71 -3.50
N ILE B 149 16.63 -9.36 -2.35
CA ILE B 149 15.25 -9.81 -2.00
C ILE B 149 14.33 -8.62 -1.73
N ILE B 150 14.81 -7.68 -0.92
CA ILE B 150 13.99 -6.46 -0.67
C ILE B 150 13.64 -5.76 -1.98
N GLU B 151 14.64 -5.60 -2.84
CA GLU B 151 14.43 -4.88 -4.11
C GLU B 151 13.44 -5.63 -4.97
N LEU B 152 13.54 -6.97 -4.99
CA LEU B 152 12.62 -7.75 -5.83
C LEU B 152 11.19 -7.52 -5.34
N PHE B 153 10.98 -7.65 -4.03
CA PHE B 153 9.64 -7.36 -3.50
C PHE B 153 9.15 -5.98 -3.90
N HIS B 154 9.98 -4.95 -3.77
CA HIS B 154 9.46 -3.60 -4.08
C HIS B 154 9.19 -3.49 -5.60
N ASP B 155 10.03 -4.10 -6.45
CA ASP B 155 9.88 -3.99 -7.90
C ASP B 155 8.64 -4.77 -8.35
N VAL B 156 8.44 -5.94 -7.78
CA VAL B 156 7.23 -6.77 -8.09
C VAL B 156 5.98 -6.03 -7.63
N ASN B 157 6.04 -5.39 -6.45
CA ASN B 157 4.83 -4.62 -6.03
C ASN B 157 4.52 -3.53 -7.06
N PHE B 158 5.53 -2.75 -7.47
CA PHE B 158 5.32 -1.69 -8.47
C PHE B 158 4.71 -2.26 -9.74
N LYS B 159 5.29 -3.32 -10.26
CA LYS B 159 4.79 -3.94 -11.51
C LYS B 159 3.34 -4.44 -11.31
N THR B 160 3.04 -5.02 -10.14
CA THR B 160 1.67 -5.51 -9.89
C THR B 160 0.71 -4.32 -9.87
N ASN B 161 1.12 -3.19 -9.29
CA ASN B 161 0.28 -1.97 -9.28
C ASN B 161 0.01 -1.52 -10.71
N MET B 162 1.03 -1.54 -11.55
CA MET B 162 0.80 -1.18 -12.97
C MET B 162 -0.23 -2.10 -13.63
N GLY B 163 -0.13 -3.39 -13.36
CA GLY B 163 -1.08 -4.35 -13.93
C GLY B 163 -2.50 -4.13 -13.43
N GLN B 164 -2.64 -3.87 -12.12
N GLN B 164 -2.62 -3.89 -12.14
CA GLN B 164 -3.96 -3.58 -11.54
CA GLN B 164 -3.92 -3.58 -11.53
C GLN B 164 -4.58 -2.34 -12.17
C GLN B 164 -4.49 -2.31 -12.14
N SER B 165 -3.77 -1.30 -12.49
N SER B 165 -3.63 -1.36 -12.50
CA SER B 165 -4.27 -0.04 -13.11
CA SER B 165 -4.05 -0.08 -13.13
C SER B 165 -4.68 -0.36 -14.57
C SER B 165 -4.64 -0.39 -14.52
N LEU B 166 -3.90 -1.17 -15.30
CA LEU B 166 -4.31 -1.49 -16.68
C LEU B 166 -5.62 -2.28 -16.65
N ASP B 167 -5.72 -3.20 -15.70
CA ASP B 167 -6.97 -3.98 -15.51
C ASP B 167 -8.17 -3.07 -15.25
N ALA B 168 -7.95 -2.08 -14.43
CA ALA B 168 -9.04 -1.21 -13.96
C ALA B 168 -9.54 -0.29 -15.12
N LEU B 169 -8.68 0.03 -16.09
CA LEU B 169 -8.99 0.97 -17.14
C LEU B 169 -9.84 0.33 -18.23
N CYS B 170 -10.52 -0.77 -17.94
CA CYS B 170 -11.43 -1.48 -18.88
C CYS B 170 -12.68 -0.64 -19.16
N MET B 171 -13.02 0.21 -18.24
CA MET B 171 -14.24 0.97 -18.33
C MET B 171 -13.87 2.40 -18.31
N LYS B 172 -14.63 3.18 -19.07
CA LYS B 172 -14.51 4.64 -19.03
C LYS B 172 -15.95 5.16 -19.11
N ASP B 173 -16.31 6.06 -18.20
CA ASP B 173 -17.65 6.68 -18.30
C ASP B 173 -18.76 5.59 -18.29
N GLY B 174 -18.54 4.58 -17.45
CA GLY B 174 -19.53 3.53 -17.18
C GLY B 174 -19.74 2.53 -18.30
N ARG B 175 -18.98 2.57 -19.39
CA ARG B 175 -19.07 1.58 -20.50
C ARG B 175 -17.70 0.99 -20.80
N PRO B 176 -17.68 -0.31 -21.18
CA PRO B 176 -16.42 -0.97 -21.48
C PRO B 176 -15.84 -0.53 -22.81
N ILE B 177 -14.53 -0.43 -22.85
CA ILE B 177 -13.84 0.01 -24.09
C ILE B 177 -13.59 -1.20 -24.99
N LEU B 178 -14.68 -1.75 -25.51
CA LEU B 178 -14.62 -3.06 -26.19
C LEU B 178 -13.63 -3.04 -27.37
N SER B 179 -13.57 -1.96 -28.12
CA SER B 179 -12.68 -1.87 -29.29
C SER B 179 -11.21 -2.03 -28.91
N GLN B 180 -10.85 -1.87 -27.65
CA GLN B 180 -9.45 -1.98 -27.19
C GLN B 180 -9.22 -3.35 -26.48
N PHE B 181 -10.24 -4.22 -26.40
CA PHE B 181 -10.15 -5.54 -25.72
C PHE B 181 -9.53 -6.54 -26.69
N THR B 182 -8.24 -6.42 -26.90
CA THR B 182 -7.46 -7.29 -27.77
C THR B 182 -6.70 -8.31 -26.93
N MET B 183 -6.25 -9.39 -27.58
CA MET B 183 -5.40 -10.36 -26.87
C MET B 183 -4.05 -9.72 -26.53
N LYS B 184 -3.58 -8.77 -27.32
CA LYS B 184 -2.34 -8.03 -26.94
C LYS B 184 -2.50 -7.27 -25.61
N ARG B 185 -3.62 -6.57 -25.46
CA ARG B 185 -3.89 -5.87 -24.19
C ARG B 185 -3.97 -6.92 -23.07
N TYR B 186 -4.73 -7.97 -23.33
CA TYR B 186 -4.93 -9.02 -22.30
C TYR B 186 -3.61 -9.53 -21.76
N SER B 187 -2.75 -9.95 -22.69
CA SER B 187 -1.46 -10.55 -22.30
C SER B 187 -0.67 -9.54 -21.49
N SER B 188 -0.73 -8.25 -21.82
CA SER B 188 -0.04 -7.21 -21.00
C SER B 188 -0.61 -7.13 -19.61
N ILE B 189 -1.94 -7.13 -19.49
CA ILE B 189 -2.56 -7.07 -18.17
C ILE B 189 -2.05 -8.21 -17.31
N VAL B 190 -2.13 -9.43 -17.87
CA VAL B 190 -1.85 -10.63 -17.05
C VAL B 190 -0.37 -10.67 -16.62
N LYS B 191 0.54 -10.32 -17.52
CA LYS B 191 1.99 -10.29 -17.21
C LYS B 191 2.20 -9.49 -15.92
N TYR B 192 1.61 -8.28 -15.89
CA TYR B 192 1.83 -7.34 -14.78
C TYR B 192 0.98 -7.62 -13.54
N LYS B 193 -0.33 -7.89 -13.75
CA LYS B 193 -1.18 -8.01 -12.54
C LYS B 193 -1.07 -9.38 -11.86
N THR B 194 -0.52 -10.39 -12.57
CA THR B 194 -0.51 -11.74 -12.00
C THR B 194 0.85 -12.42 -12.12
N SER B 195 1.44 -12.44 -13.31
CA SER B 195 2.54 -13.39 -13.53
C SER B 195 3.77 -13.05 -12.71
N TYR B 196 4.11 -11.77 -12.57
CA TYR B 196 5.32 -11.41 -11.81
C TYR B 196 5.22 -11.86 -10.37
N TYR B 197 4.13 -11.53 -9.70
CA TYR B 197 4.09 -11.86 -8.26
C TYR B 197 3.75 -13.33 -7.99
N THR B 198 3.00 -13.94 -8.88
CA THR B 198 2.56 -15.31 -8.62
C THR B 198 3.62 -16.35 -9.02
N PHE B 199 4.31 -16.14 -10.12
CA PHE B 199 5.20 -17.15 -10.66
C PHE B 199 6.64 -16.68 -10.61
N GLN B 200 6.98 -15.50 -11.12
CA GLN B 200 8.39 -15.07 -11.15
C GLN B 200 8.93 -14.90 -9.71
N LEU B 201 8.16 -14.28 -8.83
CA LEU B 201 8.63 -13.91 -7.47
C LEU B 201 9.09 -15.19 -6.70
N PRO B 202 8.25 -16.25 -6.57
CA PRO B 202 8.74 -17.43 -5.83
C PRO B 202 10.08 -18.01 -6.35
N VAL B 203 10.19 -18.06 -7.66
CA VAL B 203 11.39 -18.68 -8.26
C VAL B 203 12.61 -17.76 -8.09
N SER B 204 12.45 -16.45 -8.35
CA SER B 204 13.60 -15.57 -8.18
C SER B 204 13.98 -15.50 -6.70
N LEU B 205 13.04 -15.63 -5.76
CA LEU B 205 13.40 -15.69 -4.33
C LEU B 205 14.24 -16.92 -4.02
N GLY B 206 13.83 -18.09 -4.55
CA GLY B 206 14.61 -19.32 -4.38
C GLY B 206 16.02 -19.17 -4.95
N MET B 207 16.09 -18.53 -6.13
CA MET B 207 17.40 -18.25 -6.73
C MET B 207 18.29 -17.37 -5.82
N TYR B 208 17.73 -16.27 -5.32
CA TYR B 208 18.51 -15.35 -4.48
C TYR B 208 18.97 -16.04 -3.19
N LEU B 209 18.05 -16.80 -2.54
CA LEU B 209 18.48 -17.49 -1.29
C LEU B 209 19.60 -18.49 -1.60
N ALA B 210 19.64 -19.03 -2.81
CA ALA B 210 20.72 -19.94 -3.28
C ALA B 210 21.90 -19.15 -3.86
N ASP B 211 21.95 -17.81 -3.64
CA ASP B 211 23.10 -17.00 -4.12
C ASP B 211 23.23 -17.05 -5.64
N MET B 212 22.09 -17.12 -6.35
CA MET B 212 22.08 -17.01 -7.83
C MET B 212 21.61 -15.61 -8.24
N TYR B 213 22.60 -14.80 -8.59
CA TYR B 213 22.36 -13.37 -8.87
C TYR B 213 22.43 -13.07 -10.37
N ASP B 214 22.78 -14.03 -11.24
CA ASP B 214 22.94 -13.76 -12.69
C ASP B 214 21.58 -13.35 -13.25
N PRO B 215 21.39 -12.11 -13.81
CA PRO B 215 20.09 -11.72 -14.37
C PRO B 215 19.64 -12.62 -15.52
N GLU B 216 20.57 -13.25 -16.25
CA GLU B 216 20.23 -14.21 -17.35
C GLU B 216 19.53 -15.45 -16.81
N GLN B 217 19.95 -15.97 -15.67
CA GLN B 217 19.26 -17.12 -15.07
C GLN B 217 17.83 -16.74 -14.69
N HIS B 218 17.67 -15.58 -14.08
CA HIS B 218 16.32 -15.09 -13.74
C HIS B 218 15.50 -14.93 -15.03
N ARG B 219 16.10 -14.42 -16.10
CA ARG B 219 15.39 -14.15 -17.37
C ARG B 219 15.00 -15.50 -18.01
N GLN B 220 15.84 -16.53 -17.97
CA GLN B 220 15.51 -17.85 -18.60
C GLN B 220 14.27 -18.41 -17.91
N ALA B 221 14.21 -18.29 -16.60
CA ALA B 221 13.05 -18.80 -15.84
C ALA B 221 11.80 -17.98 -16.22
N LYS B 222 11.96 -16.68 -16.43
CA LYS B 222 10.82 -15.77 -16.64
C LYS B 222 10.07 -16.16 -17.93
N THR B 223 10.75 -16.59 -18.95
CA THR B 223 10.05 -16.91 -20.20
C THR B 223 8.98 -17.96 -19.94
N ILE B 224 9.34 -19.03 -19.24
CA ILE B 224 8.41 -20.14 -18.93
C ILE B 224 7.33 -19.67 -17.96
N LEU B 225 7.76 -18.98 -16.93
CA LEU B 225 6.82 -18.61 -15.84
C LEU B 225 5.75 -17.66 -16.36
N MET B 226 6.10 -16.78 -17.32
N MET B 226 6.10 -16.81 -17.33
CA MET B 226 5.05 -15.88 -17.88
CA MET B 226 5.14 -15.87 -17.96
C MET B 226 4.04 -16.70 -18.72
C MET B 226 4.09 -16.65 -18.76
N GLU B 227 4.46 -17.78 -19.36
CA GLU B 227 3.50 -18.66 -20.10
C GLU B 227 2.57 -19.36 -19.10
N ILE B 228 3.12 -19.86 -18.00
CA ILE B 228 2.26 -20.52 -16.99
C ILE B 228 1.28 -19.49 -16.41
N GLY B 229 1.78 -18.29 -16.14
CA GLY B 229 0.96 -17.20 -15.61
C GLY B 229 -0.23 -16.89 -16.52
N GLU B 230 0.02 -16.87 -17.82
CA GLU B 230 -1.06 -16.56 -18.76
C GLU B 230 -2.15 -17.65 -18.65
N PHE B 231 -1.79 -18.92 -18.62
CA PHE B 231 -2.80 -20.00 -18.44
C PHE B 231 -3.53 -19.80 -17.10
N PHE B 232 -2.77 -19.51 -16.05
CA PHE B 232 -3.38 -19.39 -14.70
C PHE B 232 -4.46 -18.30 -14.68
N GLN B 233 -4.18 -17.18 -15.31
CA GLN B 233 -5.17 -16.08 -15.31
C GLN B 233 -6.32 -16.34 -16.26
N ILE B 234 -6.04 -17.02 -17.36
CA ILE B 234 -7.12 -17.41 -18.27
C ILE B 234 -8.08 -18.37 -17.54
N GLN B 235 -7.53 -19.38 -16.82
CA GLN B 235 -8.39 -20.27 -16.03
C GLN B 235 -9.20 -19.43 -15.04
N ASP B 236 -8.56 -18.49 -14.32
CA ASP B 236 -9.29 -17.68 -13.32
C ASP B 236 -10.46 -16.97 -14.02
N ASP B 237 -10.18 -16.41 -15.19
CA ASP B 237 -11.25 -15.71 -15.95
C ASP B 237 -12.39 -16.63 -16.36
N PHE B 238 -12.04 -17.82 -16.83
CA PHE B 238 -13.05 -18.82 -17.22
C PHE B 238 -13.96 -19.08 -16.02
N LEU B 239 -13.33 -19.33 -14.86
CA LEU B 239 -14.12 -19.70 -13.68
C LEU B 239 -14.94 -18.53 -13.13
N ASP B 240 -14.53 -17.30 -13.38
CA ASP B 240 -15.35 -16.12 -12.93
C ASP B 240 -16.80 -16.27 -13.44
N ALA B 241 -16.95 -16.72 -14.68
CA ALA B 241 -18.28 -16.91 -15.29
C ALA B 241 -18.82 -18.33 -15.07
N PHE B 242 -17.96 -19.35 -15.20
CA PHE B 242 -18.42 -20.75 -15.32
C PHE B 242 -18.13 -21.58 -14.09
N GLY B 243 -17.39 -21.12 -13.12
CA GLY B 243 -17.10 -21.84 -11.88
C GLY B 243 -18.28 -21.93 -10.93
N ASP B 244 -18.13 -22.84 -9.97
CA ASP B 244 -19.08 -23.02 -8.84
C ASP B 244 -18.46 -22.13 -7.72
N SER B 245 -19.18 -21.12 -7.26
CA SER B 245 -18.67 -20.29 -6.15
C SER B 245 -18.41 -21.06 -4.85
N GLN B 246 -19.09 -22.19 -4.60
CA GLN B 246 -18.80 -23.00 -3.40
C GLN B 246 -17.42 -23.67 -3.57
N VAL B 247 -16.97 -23.91 -4.79
CA VAL B 247 -15.64 -24.52 -5.06
C VAL B 247 -14.57 -23.45 -5.15
N THR B 248 -14.81 -22.42 -5.90
CA THR B 248 -13.79 -21.35 -6.09
C THR B 248 -13.65 -20.53 -4.81
N GLY B 249 -14.68 -20.50 -3.97
CA GLY B 249 -14.63 -19.57 -2.81
C GLY B 249 -14.92 -18.12 -3.08
N LYS B 250 -15.33 -17.80 -4.30
CA LYS B 250 -15.52 -16.35 -4.65
C LYS B 250 -16.59 -16.25 -5.72
N VAL B 251 -17.42 -15.25 -5.58
CA VAL B 251 -18.48 -14.95 -6.56
C VAL B 251 -17.91 -14.04 -7.65
N GLY B 252 -18.10 -14.40 -8.90
CA GLY B 252 -17.56 -13.66 -10.06
C GLY B 252 -18.19 -12.29 -10.23
N THR B 253 -17.36 -11.38 -10.73
CA THR B 253 -17.79 -10.00 -10.99
C THR B 253 -17.29 -9.46 -12.32
N ASP B 254 -16.64 -10.24 -13.16
CA ASP B 254 -15.98 -9.66 -14.34
C ASP B 254 -16.98 -9.09 -15.30
N ILE B 255 -18.08 -9.71 -15.56
CA ILE B 255 -19.04 -9.21 -16.59
C ILE B 255 -19.61 -7.89 -16.10
N LYS B 256 -20.12 -7.84 -14.89
CA LYS B 256 -20.73 -6.62 -14.35
C LYS B 256 -19.68 -5.49 -14.29
N GLU B 257 -18.44 -5.82 -13.98
CA GLU B 257 -17.38 -4.81 -13.85
C GLU B 257 -16.82 -4.42 -15.24
N GLY B 258 -17.21 -5.10 -16.32
CA GLY B 258 -16.76 -4.67 -17.66
C GLY B 258 -15.30 -5.02 -17.94
N LYS B 259 -14.82 -6.10 -17.35
CA LYS B 259 -13.38 -6.41 -17.42
C LYS B 259 -12.95 -6.93 -18.79
N CYS B 260 -11.70 -6.60 -19.19
CA CYS B 260 -11.04 -7.23 -20.32
C CYS B 260 -10.50 -8.62 -19.94
N SER B 261 -11.45 -9.49 -19.68
CA SER B 261 -11.20 -10.88 -19.29
C SER B 261 -10.90 -11.71 -20.54
N TRP B 262 -10.34 -12.90 -20.39
CA TRP B 262 -10.11 -13.72 -21.58
C TRP B 262 -11.42 -14.07 -22.28
N LEU B 263 -12.46 -14.29 -21.48
CA LEU B 263 -13.79 -14.58 -22.04
C LEU B 263 -14.26 -13.42 -22.92
N ALA B 264 -14.13 -12.17 -22.42
CA ALA B 264 -14.60 -11.04 -23.24
C ALA B 264 -13.74 -10.90 -24.51
N VAL B 265 -12.44 -11.07 -24.37
CA VAL B 265 -11.57 -10.95 -25.56
C VAL B 265 -11.91 -11.99 -26.62
N VAL B 266 -12.12 -13.24 -26.20
CA VAL B 266 -12.43 -14.31 -27.17
C VAL B 266 -13.87 -14.11 -27.66
N ALA B 267 -14.79 -13.71 -26.81
CA ALA B 267 -16.17 -13.45 -27.30
C ALA B 267 -16.08 -12.41 -28.44
N LEU B 268 -15.34 -11.30 -28.25
CA LEU B 268 -15.27 -10.31 -29.34
C LEU B 268 -14.62 -10.88 -30.60
N GLN B 269 -13.62 -11.75 -30.45
CA GLN B 269 -13.00 -12.41 -31.62
C GLN B 269 -14.01 -13.26 -32.38
N ARG B 270 -14.88 -13.95 -31.66
CA ARG B 270 -15.75 -15.00 -32.29
C ARG B 270 -17.13 -14.43 -32.71
N SER B 271 -17.51 -13.27 -32.20
CA SER B 271 -18.88 -12.71 -32.36
C SER B 271 -19.15 -12.27 -33.80
N ASN B 272 -20.38 -12.55 -34.24
CA ASN B 272 -20.89 -11.97 -35.50
C ASN B 272 -21.39 -10.59 -35.12
N PRO B 273 -21.84 -9.77 -36.10
CA PRO B 273 -22.25 -8.41 -35.76
C PRO B 273 -23.39 -8.31 -34.73
N ALA B 274 -24.37 -9.22 -34.83
CA ALA B 274 -25.47 -9.27 -33.84
C ALA B 274 -24.92 -9.54 -32.43
N GLN B 275 -23.96 -10.46 -32.32
CA GLN B 275 -23.40 -10.86 -30.99
C GLN B 275 -22.52 -9.74 -30.45
N ARG B 276 -21.84 -9.02 -31.34
CA ARG B 276 -21.07 -7.84 -30.90
C ARG B 276 -22.01 -6.78 -30.32
N GLN B 277 -23.16 -6.56 -30.94
CA GLN B 277 -24.12 -5.55 -30.42
C GLN B 277 -24.67 -5.99 -29.02
N ILE B 278 -24.87 -7.30 -28.79
CA ILE B 278 -25.22 -7.79 -27.42
C ILE B 278 -24.12 -7.37 -26.44
N MET B 279 -22.85 -7.58 -26.78
CA MET B 279 -21.76 -7.12 -25.87
C MET B 279 -21.81 -5.60 -25.64
N GLU B 280 -22.03 -4.86 -26.73
CA GLU B 280 -22.07 -3.37 -26.64
C GLU B 280 -23.18 -2.92 -25.69
N GLU B 281 -24.33 -3.61 -25.77
CA GLU B 281 -25.51 -3.19 -24.97
C GLU B 281 -25.42 -3.68 -23.52
N HIS B 282 -24.89 -4.86 -23.31
CA HIS B 282 -25.07 -5.62 -22.03
C HIS B 282 -23.81 -5.84 -21.23
N TYR B 283 -22.64 -5.69 -21.82
CA TYR B 283 -21.41 -5.97 -21.06
C TYR B 283 -21.14 -4.84 -20.07
N GLY B 284 -20.60 -5.12 -18.90
CA GLY B 284 -20.24 -4.02 -17.98
C GLY B 284 -21.41 -3.26 -17.43
N ARG B 285 -22.53 -3.93 -17.18
CA ARG B 285 -23.73 -3.30 -16.63
C ARG B 285 -24.06 -3.93 -15.30
N PRO B 286 -24.66 -3.19 -14.36
CA PRO B 286 -24.93 -3.77 -13.06
C PRO B 286 -26.22 -4.59 -13.07
N GLU B 287 -27.08 -4.38 -14.04
CA GLU B 287 -28.38 -5.10 -14.10
C GLU B 287 -28.16 -6.61 -14.27
N PRO B 288 -28.80 -7.40 -13.39
CA PRO B 288 -28.63 -8.84 -13.48
C PRO B 288 -29.12 -9.45 -14.78
N GLU B 289 -30.15 -8.87 -15.38
CA GLU B 289 -30.58 -9.40 -16.69
C GLU B 289 -29.41 -9.36 -17.67
N SER B 290 -28.71 -8.21 -17.70
CA SER B 290 -27.59 -7.98 -18.66
C SER B 290 -26.48 -8.99 -18.39
N THR B 291 -26.13 -9.22 -17.14
CA THR B 291 -25.04 -10.17 -16.88
C THR B 291 -25.45 -11.58 -17.30
N GLN B 292 -26.71 -11.98 -17.14
CA GLN B 292 -27.17 -13.34 -17.58
C GLN B 292 -27.18 -13.38 -19.13
N ILE B 293 -27.57 -12.28 -19.79
CA ILE B 293 -27.52 -12.25 -21.27
C ILE B 293 -26.09 -12.49 -21.78
N ILE B 294 -25.11 -11.90 -21.11
CA ILE B 294 -23.71 -12.11 -21.53
C ILE B 294 -23.31 -13.57 -21.28
N LYS B 295 -23.61 -14.12 -20.11
CA LYS B 295 -23.27 -15.56 -19.85
C LYS B 295 -23.92 -16.42 -20.90
N ASN B 296 -25.17 -16.12 -21.27
CA ASN B 296 -25.82 -16.90 -22.32
C ASN B 296 -25.07 -16.77 -23.64
N LEU B 297 -24.57 -15.58 -23.99
CA LEU B 297 -23.78 -15.39 -25.22
C LEU B 297 -22.48 -16.18 -25.16
N TYR B 298 -21.84 -16.20 -23.99
CA TYR B 298 -20.61 -17.00 -23.84
C TYR B 298 -20.90 -18.49 -24.11
N ILE B 299 -22.03 -18.96 -23.59
CA ILE B 299 -22.43 -20.38 -23.84
C ILE B 299 -22.65 -20.55 -25.35
N GLU B 300 -23.42 -19.69 -25.96
CA GLU B 300 -23.74 -19.75 -27.41
C GLU B 300 -22.47 -19.78 -28.26
N LEU B 301 -21.47 -18.97 -27.93
CA LEU B 301 -20.20 -18.91 -28.65
C LEU B 301 -19.31 -20.15 -28.36
N GLY B 302 -19.70 -21.02 -27.43
CA GLY B 302 -18.86 -22.19 -27.18
C GLY B 302 -17.60 -21.87 -26.42
N LEU B 303 -17.64 -20.91 -25.53
CA LEU B 303 -16.43 -20.51 -24.79
C LEU B 303 -15.99 -21.60 -23.83
N PRO B 304 -16.86 -22.38 -23.15
CA PRO B 304 -16.31 -23.47 -22.34
C PRO B 304 -15.45 -24.47 -23.12
N ALA B 305 -15.90 -24.86 -24.31
CA ALA B 305 -15.09 -25.78 -25.11
C ALA B 305 -13.79 -25.12 -25.58
N THR B 306 -13.87 -23.84 -25.88
CA THR B 306 -12.67 -23.08 -26.30
C THR B 306 -11.65 -23.12 -25.16
N PHE B 307 -12.09 -22.86 -23.95
CA PHE B 307 -11.19 -22.89 -22.78
C PHE B 307 -10.57 -24.28 -22.65
N ALA B 308 -11.37 -25.32 -22.75
CA ALA B 308 -10.89 -26.71 -22.54
C ALA B 308 -9.82 -26.99 -23.61
N VAL B 309 -10.04 -26.57 -24.83
CA VAL B 309 -9.02 -26.76 -25.89
C VAL B 309 -7.75 -26.00 -25.51
N TYR B 310 -7.92 -24.78 -25.03
CA TYR B 310 -6.75 -23.94 -24.69
C TYR B 310 -5.96 -24.64 -23.59
N GLU B 311 -6.63 -25.16 -22.57
CA GLU B 311 -5.98 -25.82 -21.40
C GLU B 311 -5.16 -27.03 -21.89
N GLU B 312 -5.68 -27.81 -22.86
CA GLU B 312 -4.91 -28.88 -23.46
C GLU B 312 -3.73 -28.37 -24.29
N GLU B 313 -4.03 -27.41 -25.18
CA GLU B 313 -3.01 -26.98 -26.15
C GLU B 313 -1.86 -26.31 -25.38
N SER B 314 -2.21 -25.44 -24.43
CA SER B 314 -1.18 -24.67 -23.73
C SER B 314 -0.30 -25.58 -22.86
N PHE B 315 -0.89 -26.58 -22.20
CA PHE B 315 -0.10 -27.52 -21.38
C PHE B 315 1.01 -28.13 -22.26
N ASN B 316 0.64 -28.55 -23.46
CA ASN B 316 1.60 -29.32 -24.28
C ASN B 316 2.67 -28.37 -24.85
N ILE B 317 2.28 -27.12 -25.16
CA ILE B 317 3.22 -26.08 -25.67
C ILE B 317 4.26 -25.76 -24.55
N ILE B 318 3.78 -25.54 -23.33
CA ILE B 318 4.69 -25.11 -22.24
C ILE B 318 5.63 -26.25 -21.91
N ARG B 319 5.09 -27.49 -21.86
CA ARG B 319 6.01 -28.62 -21.57
C ARG B 319 7.15 -28.67 -22.62
N THR B 320 6.84 -28.47 -23.88
CA THR B 320 7.83 -28.48 -24.99
C THR B 320 8.87 -27.36 -24.76
N HIS B 321 8.43 -26.20 -24.30
CA HIS B 321 9.32 -25.05 -24.09
C HIS B 321 10.26 -25.33 -22.90
N ILE B 322 9.80 -26.04 -21.89
CA ILE B 322 10.66 -26.33 -20.72
C ILE B 322 11.88 -27.11 -21.23
N HIS B 323 11.64 -28.07 -22.11
CA HIS B 323 12.73 -28.96 -22.59
C HIS B 323 13.84 -28.08 -23.18
N GLN B 324 13.51 -26.90 -23.72
CA GLN B 324 14.50 -26.04 -24.42
C GLN B 324 15.20 -25.04 -23.47
N ILE B 325 14.89 -24.98 -22.16
CA ILE B 325 15.54 -24.08 -21.13
C ILE B 325 17.02 -24.44 -21.03
N SER B 326 17.87 -23.43 -20.77
CA SER B 326 19.26 -23.59 -20.30
C SER B 326 19.37 -24.88 -19.49
N LYS B 327 20.37 -25.70 -19.82
CA LYS B 327 20.81 -26.87 -19.03
C LYS B 327 21.27 -26.36 -17.63
N GLY B 328 21.48 -25.06 -17.45
CA GLY B 328 21.89 -24.45 -16.17
C GLY B 328 20.78 -24.38 -15.13
N LEU B 329 19.53 -24.59 -15.47
CA LEU B 329 18.40 -24.51 -14.53
C LEU B 329 17.75 -25.88 -14.44
N PRO B 330 17.12 -26.23 -13.31
CA PRO B 330 16.52 -27.56 -13.17
C PRO B 330 15.15 -27.60 -13.89
N HIS B 331 15.10 -28.38 -14.95
CA HIS B 331 13.86 -28.46 -15.77
C HIS B 331 12.72 -28.95 -14.90
N ASP B 332 13.04 -29.86 -13.96
CA ASP B 332 11.96 -30.48 -13.15
C ASP B 332 11.27 -29.45 -12.25
N LEU B 333 11.95 -28.35 -11.89
CA LEU B 333 11.26 -27.32 -11.09
C LEU B 333 10.04 -26.77 -11.89
N PHE B 334 10.28 -26.48 -13.16
CA PHE B 334 9.25 -25.90 -14.04
C PHE B 334 8.19 -26.95 -14.29
N PHE B 335 8.59 -28.21 -14.52
CA PHE B 335 7.60 -29.29 -14.71
C PHE B 335 6.71 -29.40 -13.47
N LYS B 336 7.30 -29.31 -12.26
CA LYS B 336 6.51 -29.48 -11.04
C LYS B 336 5.51 -28.32 -10.98
N ILE B 337 5.96 -27.09 -11.21
CA ILE B 337 5.06 -25.93 -11.13
C ILE B 337 3.92 -26.10 -12.17
N MET B 338 4.24 -26.48 -13.42
CA MET B 338 3.27 -26.60 -14.52
C MET B 338 2.24 -27.67 -14.08
N LYS B 339 2.72 -28.79 -13.56
CA LYS B 339 1.81 -29.94 -13.21
C LYS B 339 0.88 -29.55 -12.06
N LYS B 340 1.38 -28.76 -11.10
CA LYS B 340 0.51 -28.31 -10.00
C LYS B 340 -0.56 -27.38 -10.55
N ILE B 341 -0.17 -26.41 -11.38
CA ILE B 341 -1.13 -25.41 -11.87
C ILE B 341 -2.18 -26.11 -12.74
N TYR B 342 -1.76 -27.07 -13.56
CA TYR B 342 -2.71 -27.76 -14.46
C TYR B 342 -3.36 -28.99 -13.79
N LYS B 343 -3.04 -29.29 -12.54
CA LYS B 343 -3.64 -30.45 -11.80
C LYS B 343 -3.40 -31.77 -12.54
N ARG B 344 -2.15 -32.00 -12.93
CA ARG B 344 -1.75 -33.23 -13.62
C ARG B 344 -0.65 -33.94 -12.85
N ASP B 345 -0.60 -35.25 -12.83
CA ASP B 345 0.53 -36.00 -12.21
C ASP B 345 1.50 -36.43 -13.31
N ALA B 346 1.08 -36.28 -14.57
CA ALA B 346 1.83 -36.75 -15.75
C ALA B 346 1.52 -35.81 -16.94
MN MN C . -8.29 12.92 6.77
MN MN D . -7.77 10.21 8.67
MN MN E . -7.29 16.34 10.07
MG MG F . -8.28 13.02 6.69
MG MG G . -7.80 10.10 8.66
MG MG H . -7.30 16.36 10.03
C1 GOL I . -7.28 9.72 -14.03
O1 GOL I . -7.52 10.94 -14.72
C2 GOL I . -8.32 8.67 -14.39
O2 GOL I . -8.09 7.52 -13.57
C3 GOL I . -8.28 8.30 -15.84
O3 GOL I . -7.02 7.74 -16.18
C1 GOL J . -5.94 15.20 -5.72
O1 GOL J . -6.37 14.82 -4.36
C2 GOL J . -5.92 16.67 -5.88
O2 GOL J . -5.81 17.10 -7.29
C3 GOL J . -4.84 17.30 -4.97
O3 GOL J . -5.04 18.67 -4.86
C1 IPE K . -1.49 16.79 6.42
O1 IPE K . -0.16 17.32 6.40
C2 IPE K . -1.56 15.53 7.27
C3 IPE K . -1.12 15.66 8.70
C4 IPE K . -0.20 14.86 9.23
C5 IPE K . -1.69 16.80 9.49
PA IPE K . 0.12 18.77 5.87
O1A IPE K . -0.77 19.75 6.52
O2A IPE K . 1.58 18.98 6.07
O3A IPE K . -0.29 18.69 4.32
PB IPE K . 0.45 19.03 2.91
O1B IPE K . -0.72 19.21 1.97
O2B IPE K . 1.18 20.27 3.13
O3B IPE K . 1.29 17.86 2.53
O17 ZOL L . -5.51 12.26 10.41
P14 ZOL L . -6.31 13.18 9.48
O16 ZOL L . -7.30 12.24 8.61
O15 ZOL L . -7.00 14.35 10.25
C8 ZOL L . -5.18 14.06 8.36
P9 ZOL L . -6.06 15.21 7.22
O10 ZOL L . -6.65 16.26 8.12
O11 ZOL L . -7.14 14.49 6.47
O12 ZOL L . -5.08 15.82 6.27
O13 ZOL L . -4.24 14.82 9.13
C7 ZOL L . -4.38 13.05 7.54
N15 ZOL L . -3.48 12.18 8.28
C16 ZOL L . -2.55 12.50 9.18
N17 ZOL L . -1.94 11.42 9.68
C18 ZOL L . -2.48 10.37 8.97
C19 ZOL L . -3.40 10.77 8.11
MN MN M . -9.20 -7.43 -9.97
MN MN N . -10.81 -13.27 -11.45
MN MN O . -10.93 -9.62 -8.22
MG MG P . -9.17 -7.34 -9.97
MG MG Q . -10.95 -9.71 -8.20
MG MG R . -10.82 -13.28 -11.45
C1 GOL S . -10.38 -27.77 -14.62
O1 GOL S . -9.67 -27.65 -13.39
C2 GOL S . -10.53 -26.46 -15.38
O2 GOL S . -9.28 -25.79 -15.52
C3 GOL S . -11.51 -25.46 -14.79
O3 GOL S . -12.64 -26.08 -14.19
C1 IPE T . -6.11 -15.76 -6.76
O1 IPE T . -4.98 -16.67 -6.57
C2 IPE T . -5.70 -14.63 -7.66
C3 IPE T . -5.06 -15.01 -8.95
C4 IPE T . -3.91 -14.43 -9.32
C5 IPE T . -5.86 -15.82 -9.90
PA IPE T . -5.18 -18.07 -5.90
O1A IPE T . -3.83 -18.68 -5.88
O2A IPE T . -6.27 -18.81 -6.59
O3A IPE T . -5.68 -17.66 -4.45
PB IPE T . -5.47 -18.28 -2.96
O1B IPE T . -5.16 -19.72 -3.10
O2B IPE T . -4.36 -17.46 -2.34
O3B IPE T . -6.82 -18.03 -2.32
O17 ZOL U . -9.76 -11.51 -11.54
P14 ZOL U . -8.80 -10.69 -10.64
O16 ZOL U . -7.59 -10.17 -11.41
O15 ZOL U . -9.48 -9.46 -9.87
C8 ZOL U . -8.26 -11.90 -9.39
P9 ZOL U . -9.68 -12.64 -8.44
O10 ZOL U . -9.11 -13.51 -7.39
O11 ZOL U . -10.50 -13.43 -9.49
O12 ZOL U . -10.50 -11.51 -7.85
O13 ZOL U . -7.57 -13.01 -10.04
C7 ZOL U . -7.30 -11.32 -8.37
N15 ZOL U . -6.05 -10.78 -8.96
C16 ZOL U . -5.19 -11.40 -9.75
N17 ZOL U . -4.16 -10.62 -10.14
C18 ZOL U . -4.38 -9.47 -9.45
C19 ZOL U . -5.53 -9.53 -8.74
#